data_3TDC
#
_entry.id   3TDC
#
_cell.length_a   113.921
_cell.length_b   119.756
_cell.length_c   146.035
_cell.angle_alpha   90.00
_cell.angle_beta   90.00
_cell.angle_gamma   90.00
#
_symmetry.space_group_name_H-M   'C 2 2 21'
#
loop_
_entity.id
_entity.type
_entity.pdbx_description
1 polymer 'Acetyl-CoA carboxylase 2 variant'
2 non-polymer 1-[3-({4-[(5S)-3,3-dimethyl-1-oxo-2-oxa-7-azaspiro[4.5]dec-7-yl]piperidin-1-yl}carbonyl)-1-benzothiophen-2-yl]-3-ethylurea
3 water water
#
_entity_poly.entity_id   1
_entity_poly.type   'polypeptide(L)'
_entity_poly.pdbx_seq_one_letter_code
;MLINTPYVTKDLLQAKRFQAQTLGTTYIYDFPEMFRQALFKLWGSPDKYPKDILTYTELVLDSQGQLVEMNRLPGGNEVG
MVAFKMRFKTQEYPEGRDVIVIGNDITFRIGSFGPGEDLLYLRASEMARAEGIPKIYVAANSGARIGMAEEIKHMFHVAW
VDPEDPHKGFKYLYLTPQDYTRISSLNSVHCKHIEEGGESRYMITDIIGKDDGLGVENLRGSGMIAGESSLAYEEIVTIS
LVTCRAIGIGAYLVRLGQRVIQVENSHIILTGASALNKVLGREVYTSNNQLGGVQIMHYNGVSHITVPDDFEGVYTILEW
LSYMPKDNHSPVPIITPTDPIDREIEFLPSRAPYDPRWMLAGRPHPTLKGTWQSGFFDHGSFKEIMAPWAQTVVTGRARL
GGIPVGVIAVETRTVEVAVPADPANLDSEAKIIQQAGQVWFPDSAYKTAQAIKDFNREKLPLMIFANWRGFSGGMKDMYD
QVLKFGAYIVDGLRQYKQPILIYIPPYAELRGGSWVVIDATINPLCIEMYADKESRGGVLEPEGTVEIKFRKKDLIKSMR
RIDPAYKKLMEQLGEPDLSDKDRKDLEGRLKAREDLLLPIYHQVAVQFADFHDTPGRMLEKGVISDILEWKTARTFLYWR
LRRLLLEDQVKQEILQASGELSHVHIQSMLRRWFVETEGAVKAYLWDNNQVVVQWLEQHWQAGDGPRSTIRENITYLKHD
SVLKTIRGLVEENPEVAVDCVIYLSQHISPAERAQVHHHHHH
;
_entity_poly.pdbx_strand_id   A
#
# COMPACT_ATOMS: atom_id res chain seq x y z
N THR A 5 -21.65 -31.53 28.97
CA THR A 5 -21.16 -32.81 29.58
C THR A 5 -20.02 -32.63 30.60
N PRO A 6 -19.86 -33.60 31.55
CA PRO A 6 -18.79 -33.50 32.54
C PRO A 6 -17.43 -34.09 32.12
N TYR A 7 -17.29 -34.51 30.88
CA TYR A 7 -16.10 -35.25 30.45
C TYR A 7 -15.17 -34.46 29.56
N VAL A 8 -15.72 -33.47 28.86
CA VAL A 8 -14.91 -32.56 28.06
C VAL A 8 -14.23 -31.54 28.99
N THR A 9 -13.26 -30.81 28.45
CA THR A 9 -12.55 -29.78 29.22
C THR A 9 -13.09 -28.41 28.82
N LYS A 10 -13.66 -27.71 29.78
CA LYS A 10 -14.29 -26.42 29.50
C LYS A 10 -13.75 -25.30 30.40
N ASP A 11 -13.61 -24.11 29.83
CA ASP A 11 -13.36 -22.90 30.62
C ASP A 11 -14.68 -22.23 31.01
N LEU A 12 -14.60 -21.12 31.73
CA LEU A 12 -15.81 -20.40 32.15
C LEU A 12 -16.17 -19.26 31.20
N LEU A 13 -15.61 -19.28 29.99
CA LEU A 13 -15.82 -18.23 28.99
C LEU A 13 -16.77 -18.65 27.85
N GLN A 14 -17.54 -19.71 28.08
CA GLN A 14 -18.49 -20.19 27.09
C GLN A 14 -19.49 -19.09 26.70
N ALA A 15 -19.94 -18.32 27.68
CA ALA A 15 -20.91 -17.24 27.45
C ALA A 15 -20.36 -16.09 26.57
N LYS A 16 -19.06 -15.80 26.73
CA LYS A 16 -18.37 -14.81 25.93
C LYS A 16 -18.21 -15.27 24.49
N ARG A 17 -17.80 -16.53 24.33
CA ARG A 17 -17.66 -17.14 23.01
C ARG A 17 -18.97 -17.08 22.26
N PHE A 18 -20.05 -17.44 22.95
CA PHE A 18 -21.37 -17.47 22.35
C PHE A 18 -21.78 -16.07 21.91
N GLN A 19 -21.57 -15.10 22.79
CA GLN A 19 -21.89 -13.71 22.51
C GLN A 19 -21.11 -13.19 21.30
N ALA A 20 -19.84 -13.57 21.19
CA ALA A 20 -19.00 -13.22 20.03
C ALA A 20 -19.49 -13.88 18.73
N GLN A 21 -19.86 -15.16 18.84
CA GLN A 21 -20.45 -15.93 17.73
C GLN A 21 -21.74 -15.30 17.20
N THR A 22 -22.53 -14.71 18.09
CA THR A 22 -23.80 -14.08 17.75
C THR A 22 -23.56 -12.82 16.93
N LEU A 23 -22.47 -12.11 17.24
CA LEU A 23 -22.11 -10.89 16.51
C LEU A 23 -21.28 -11.17 15.23
N GLY A 24 -20.98 -12.44 14.98
CA GLY A 24 -20.36 -12.88 13.74
C GLY A 24 -18.85 -12.86 13.78
N THR A 25 -18.28 -13.00 14.98
CA THR A 25 -16.84 -12.83 15.16
C THR A 25 -16.27 -13.84 16.15
N THR A 26 -14.98 -13.71 16.44
CA THR A 26 -14.27 -14.62 17.34
C THR A 26 -13.89 -13.91 18.65
N TYR A 27 -14.17 -14.56 19.77
CA TYR A 27 -13.80 -14.05 21.07
C TYR A 27 -12.31 -13.75 21.06
N ILE A 28 -11.92 -12.56 21.53
CA ILE A 28 -10.55 -12.08 21.40
C ILE A 28 -9.50 -13.04 22.00
N TYR A 29 -9.83 -13.70 23.10
CA TYR A 29 -8.89 -14.63 23.73
C TYR A 29 -8.69 -15.95 22.96
N ASP A 30 -9.51 -16.17 21.93
CA ASP A 30 -9.35 -17.32 21.04
C ASP A 30 -8.41 -17.10 19.86
N PHE A 31 -7.94 -15.85 19.68
CA PHE A 31 -7.06 -15.54 18.56
C PHE A 31 -5.68 -16.17 18.62
N PRO A 32 -5.05 -16.23 19.82
CA PRO A 32 -3.76 -16.92 19.88
C PRO A 32 -3.84 -18.36 19.34
N GLU A 33 -4.86 -19.11 19.72
CA GLU A 33 -5.01 -20.47 19.22
C GLU A 33 -5.25 -20.50 17.70
N MET A 34 -5.97 -19.51 17.16
CA MET A 34 -6.13 -19.38 15.71
C MET A 34 -4.79 -19.22 15.02
N PHE A 35 -3.91 -18.42 15.61
CA PHE A 35 -2.58 -18.21 15.04
C PHE A 35 -1.80 -19.50 14.99
N ARG A 36 -1.83 -20.27 16.06
CA ARG A 36 -1.14 -21.56 16.15
C ARG A 36 -1.69 -22.51 15.06
N GLN A 37 -3.02 -22.57 14.94
CA GLN A 37 -3.67 -23.41 13.94
C GLN A 37 -3.32 -22.98 12.53
N ALA A 38 -3.31 -21.67 12.30
CA ALA A 38 -2.90 -21.09 11.03
C ALA A 38 -1.41 -21.36 10.73
N LEU A 39 -0.56 -21.29 11.75
CA LEU A 39 0.86 -21.59 11.59
C LEU A 39 1.13 -23.01 11.14
N PHE A 40 0.43 -23.98 11.75
CA PHE A 40 0.52 -25.39 11.37
C PHE A 40 0.18 -25.63 9.90
N LYS A 41 -0.93 -25.05 9.43
CA LYS A 41 -1.34 -25.19 8.04
C LYS A 41 -0.31 -24.55 7.11
N LEU A 42 0.17 -23.37 7.50
CA LEU A 42 1.19 -22.63 6.75
C LEU A 42 2.49 -23.43 6.61
N TRP A 43 2.83 -24.16 7.66
CA TRP A 43 4.00 -25.03 7.65
C TRP A 43 3.86 -26.24 6.72
N GLY A 44 2.66 -26.82 6.66
CA GLY A 44 2.42 -28.04 5.88
C GLY A 44 1.87 -29.18 6.73
N SER A 45 2.58 -30.32 6.72
CA SER A 45 2.16 -31.56 7.41
C SER A 45 2.86 -31.80 8.76
N PRO A 46 2.23 -32.57 9.68
CA PRO A 46 2.81 -32.93 10.98
C PRO A 46 3.94 -33.97 10.93
N ASP A 47 4.99 -33.65 10.18
CA ASP A 47 6.20 -34.48 10.14
C ASP A 47 7.43 -33.72 10.62
N LYS A 48 7.42 -32.40 10.39
CA LYS A 48 8.51 -31.50 10.79
C LYS A 48 7.99 -30.13 11.26
N TYR A 49 7.16 -30.16 12.31
CA TYR A 49 6.83 -28.96 13.08
C TYR A 49 7.94 -28.76 14.12
N PRO A 50 8.28 -27.50 14.44
CA PRO A 50 9.20 -27.24 15.54
C PRO A 50 8.53 -27.40 16.91
N LYS A 51 9.32 -27.38 17.97
CA LYS A 51 8.83 -27.65 19.34
C LYS A 51 7.76 -26.68 19.86
N ASP A 52 8.06 -25.39 19.87
CA ASP A 52 7.10 -24.42 20.38
C ASP A 52 6.77 -23.40 19.32
N ILE A 53 5.97 -23.85 18.37
CA ILE A 53 5.65 -23.08 17.18
C ILE A 53 5.09 -21.67 17.50
N LEU A 54 4.48 -21.52 18.67
CA LEU A 54 3.90 -20.26 19.10
C LEU A 54 3.92 -20.14 20.62
N THR A 55 4.62 -19.14 21.13
CA THR A 55 4.52 -18.81 22.55
C THR A 55 4.06 -17.37 22.66
N TYR A 56 3.29 -17.06 23.69
CA TYR A 56 2.76 -15.72 23.85
C TYR A 56 2.49 -15.39 25.29
N THR A 57 2.46 -14.10 25.60
CA THR A 57 2.02 -13.58 26.89
C THR A 57 0.92 -12.52 26.69
N GLU A 58 0.07 -12.32 27.70
CA GLU A 58 -0.90 -11.23 27.66
C GLU A 58 -0.22 -9.97 28.19
N LEU A 59 -0.51 -8.84 27.54
CA LEU A 59 0.01 -7.54 27.96
C LEU A 59 -1.04 -6.79 28.78
N VAL A 60 -0.70 -6.46 30.02
CA VAL A 60 -1.69 -5.96 30.98
C VAL A 60 -1.23 -4.65 31.63
N LEU A 61 -2.16 -3.70 31.76
CA LEU A 61 -1.84 -2.42 32.39
C LEU A 61 -1.76 -2.54 33.90
N ASP A 62 -0.70 -1.98 34.47
CA ASP A 62 -0.57 -1.91 35.92
C ASP A 62 -1.17 -0.60 36.48
N SER A 63 -0.95 -0.36 37.77
CA SER A 63 -1.51 0.81 38.46
C SER A 63 -0.97 2.13 37.92
N GLN A 64 0.24 2.07 37.38
CA GLN A 64 0.94 3.23 36.84
C GLN A 64 0.67 3.45 35.34
N GLY A 65 -0.16 2.59 34.76
CA GLY A 65 -0.49 2.68 33.34
C GLY A 65 0.63 2.23 32.41
N GLN A 66 1.48 1.33 32.92
CA GLN A 66 2.51 0.69 32.09
C GLN A 66 2.15 -0.78 31.87
N LEU A 67 2.59 -1.33 30.73
CA LEU A 67 2.34 -2.74 30.40
C LEU A 67 3.24 -3.71 31.14
N VAL A 68 2.65 -4.81 31.62
CA VAL A 68 3.40 -5.92 32.21
C VAL A 68 2.99 -7.18 31.47
N GLU A 69 3.96 -8.05 31.22
CA GLU A 69 3.69 -9.33 30.57
C GLU A 69 3.20 -10.31 31.64
N MET A 70 2.05 -10.92 31.38
CA MET A 70 1.46 -11.88 32.30
C MET A 70 1.13 -13.21 31.64
N ASN A 71 1.18 -14.27 32.44
CA ASN A 71 0.54 -15.52 32.10
C ASN A 71 -0.61 -15.77 33.10
N ARG A 72 -1.82 -15.43 32.66
CA ARG A 72 -3.03 -15.55 33.49
C ARG A 72 -4.14 -16.23 32.67
N LEU A 73 -5.20 -16.67 33.35
CA LEU A 73 -6.34 -17.30 32.68
C LEU A 73 -6.98 -16.32 31.72
N PRO A 74 -7.50 -16.81 30.58
CA PRO A 74 -8.23 -15.96 29.64
C PRO A 74 -9.47 -15.29 30.25
N GLY A 75 -9.89 -14.17 29.68
CA GLY A 75 -11.12 -13.49 30.12
C GLY A 75 -10.99 -12.54 31.30
N GLY A 76 -9.77 -12.24 31.71
CA GLY A 76 -9.55 -11.43 32.91
C GLY A 76 -9.51 -9.92 32.72
N ASN A 77 -9.77 -9.45 31.49
CA ASN A 77 -9.65 -8.03 31.13
C ASN A 77 -10.63 -7.12 31.82
N GLU A 78 -10.11 -6.00 32.31
CA GLU A 78 -10.89 -5.01 33.05
C GLU A 78 -11.21 -3.81 32.18
N VAL A 79 -10.57 -3.77 31.03
CA VAL A 79 -10.90 -2.82 29.97
C VAL A 79 -11.29 -3.63 28.72
N GLY A 80 -12.00 -3.00 27.79
CA GLY A 80 -12.49 -3.68 26.59
C GLY A 80 -11.47 -3.76 25.45
N MET A 81 -10.20 -3.83 25.80
CA MET A 81 -9.13 -4.00 24.82
C MET A 81 -8.13 -5.01 25.39
N VAL A 82 -7.59 -5.86 24.51
CA VAL A 82 -6.68 -6.91 24.91
C VAL A 82 -5.47 -6.86 23.98
N ALA A 83 -4.30 -7.19 24.53
CA ALA A 83 -3.06 -7.20 23.77
C ALA A 83 -2.20 -8.42 24.12
N PHE A 84 -1.51 -8.97 23.13
CA PHE A 84 -0.58 -10.07 23.33
C PHE A 84 0.77 -9.76 22.70
N LYS A 85 1.85 -10.25 23.30
CA LYS A 85 3.13 -10.34 22.62
C LYS A 85 3.29 -11.78 22.17
N MET A 86 3.51 -12.01 20.87
CA MET A 86 3.62 -13.39 20.34
C MET A 86 4.95 -13.65 19.64
N ARG A 87 5.51 -14.84 19.86
CA ARG A 87 6.68 -15.28 19.13
C ARG A 87 6.31 -16.53 18.36
N PHE A 88 6.42 -16.48 17.04
CA PHE A 88 6.19 -17.69 16.25
C PHE A 88 7.30 -18.10 15.29
N LYS A 89 7.40 -19.40 15.05
CA LYS A 89 8.40 -19.97 14.16
C LYS A 89 7.81 -20.17 12.78
N THR A 90 8.54 -19.68 11.78
CA THR A 90 8.11 -19.73 10.38
C THR A 90 9.30 -20.16 9.53
N GLN A 91 9.04 -20.48 8.27
CA GLN A 91 10.10 -20.83 7.33
C GLN A 91 11.14 -19.73 7.19
N GLU A 92 10.68 -18.48 7.29
CA GLU A 92 11.55 -17.32 7.22
C GLU A 92 12.36 -17.13 8.51
N TYR A 93 11.74 -17.44 9.64
CA TYR A 93 12.38 -17.31 10.96
C TYR A 93 12.15 -18.56 11.82
N PRO A 94 12.92 -19.64 11.54
CA PRO A 94 12.74 -20.92 12.24
C PRO A 94 13.02 -20.83 13.72
N GLU A 95 13.72 -19.78 14.16
CA GLU A 95 13.98 -19.63 15.60
C GLU A 95 13.11 -18.57 16.26
N GLY A 96 12.21 -17.96 15.47
CA GLY A 96 11.15 -17.10 15.96
C GLY A 96 11.17 -15.67 15.44
N ARG A 97 9.98 -15.11 15.26
CA ARG A 97 9.79 -13.68 15.00
C ARG A 97 8.71 -13.18 15.94
N ASP A 98 8.82 -11.93 16.40
CA ASP A 98 7.84 -11.38 17.34
C ASP A 98 6.81 -10.46 16.66
N VAL A 99 5.64 -10.36 17.27
CA VAL A 99 4.63 -9.39 16.87
C VAL A 99 3.87 -8.95 18.13
N ILE A 100 3.22 -7.79 18.04
CA ILE A 100 2.23 -7.39 19.04
C ILE A 100 0.84 -7.49 18.42
N VAL A 101 -0.06 -8.17 19.13
CA VAL A 101 -1.46 -8.26 18.70
C VAL A 101 -2.30 -7.46 19.68
N ILE A 102 -3.06 -6.50 19.16
CA ILE A 102 -3.98 -5.69 19.96
C ILE A 102 -5.37 -5.90 19.39
N GLY A 103 -6.37 -6.04 20.26
CA GLY A 103 -7.74 -6.21 19.79
C GLY A 103 -8.81 -5.67 20.72
N ASN A 104 -9.88 -5.15 20.15
CA ASN A 104 -11.09 -4.81 20.92
C ASN A 104 -11.70 -6.09 21.43
N ASP A 105 -12.29 -6.00 22.62
CA ASP A 105 -13.16 -7.07 23.13
C ASP A 105 -14.64 -6.66 22.90
N ILE A 106 -15.23 -7.10 21.79
CA ILE A 106 -16.59 -6.73 21.45
C ILE A 106 -17.65 -7.19 22.45
N THR A 107 -17.29 -8.12 23.32
CA THR A 107 -18.20 -8.60 24.37
C THR A 107 -18.13 -7.71 25.63
N PHE A 108 -17.21 -6.75 25.63
CA PHE A 108 -17.00 -5.83 26.76
C PHE A 108 -17.55 -4.47 26.37
N ARG A 109 -18.74 -4.12 26.88
CA ARG A 109 -19.41 -2.86 26.53
C ARG A 109 -19.44 -2.60 25.01
N ILE A 110 -19.85 -3.61 24.26
CA ILE A 110 -19.91 -3.60 22.79
C ILE A 110 -18.62 -3.13 22.06
N GLY A 111 -17.46 -3.36 22.68
CA GLY A 111 -16.19 -2.94 22.09
C GLY A 111 -16.03 -1.43 21.95
N SER A 112 -16.79 -0.65 22.72
CA SER A 112 -16.62 0.81 22.69
C SER A 112 -15.24 1.18 23.21
N PHE A 113 -14.77 2.37 22.83
CA PHE A 113 -13.46 2.86 23.25
C PHE A 113 -13.69 3.92 24.31
N GLY A 114 -13.24 3.65 25.53
CA GLY A 114 -13.17 4.68 26.57
C GLY A 114 -11.71 4.93 26.93
N PRO A 115 -11.46 5.73 27.97
CA PRO A 115 -10.10 6.06 28.39
C PRO A 115 -9.18 4.85 28.61
N GLY A 116 -9.67 3.83 29.33
CA GLY A 116 -8.88 2.63 29.60
C GLY A 116 -8.55 1.82 28.36
N GLU A 117 -9.53 1.67 27.48
CA GLU A 117 -9.32 0.99 26.20
C GLU A 117 -8.24 1.72 25.36
N ASP A 118 -8.32 3.05 25.30
CA ASP A 118 -7.37 3.90 24.56
C ASP A 118 -5.95 3.77 25.12
N LEU A 119 -5.85 3.75 26.45
CA LEU A 119 -4.54 3.69 27.10
C LEU A 119 -3.83 2.37 26.75
N LEU A 120 -4.57 1.26 26.77
CA LEU A 120 -3.98 -0.04 26.44
C LEU A 120 -3.50 -0.09 24.99
N TYR A 121 -4.33 0.36 24.05
CA TYR A 121 -3.91 0.44 22.66
C TYR A 121 -2.62 1.26 22.52
N LEU A 122 -2.60 2.42 23.16
CA LEU A 122 -1.46 3.32 23.10
C LEU A 122 -0.18 2.63 23.56
N ARG A 123 -0.24 2.03 24.74
CA ARG A 123 0.93 1.40 25.33
C ARG A 123 1.43 0.23 24.50
N ALA A 124 0.48 -0.60 24.01
CA ALA A 124 0.86 -1.77 23.18
C ALA A 124 1.51 -1.33 21.88
N SER A 125 0.96 -0.27 21.29
CA SER A 125 1.49 0.30 20.05
C SER A 125 2.88 0.91 20.29
N GLU A 126 3.04 1.62 21.40
CA GLU A 126 4.35 2.15 21.78
C GLU A 126 5.40 1.04 21.95
N MET A 127 4.97 -0.09 22.51
CA MET A 127 5.87 -1.22 22.71
C MET A 127 6.28 -1.88 21.39
N ALA A 128 5.35 -1.99 20.45
CA ALA A 128 5.69 -2.46 19.11
C ALA A 128 6.76 -1.54 18.49
N ARG A 129 6.55 -0.23 18.57
CA ARG A 129 7.53 0.73 18.02
C ARG A 129 8.89 0.67 18.68
N ALA A 130 8.92 0.51 20.01
CA ALA A 130 10.19 0.51 20.74
C ALA A 130 11.03 -0.72 20.39
N GLU A 131 10.37 -1.83 20.10
CA GLU A 131 11.03 -3.08 19.79
C GLU A 131 11.20 -3.26 18.27
N GLY A 132 10.50 -2.43 17.51
CA GLY A 132 10.60 -2.41 16.05
C GLY A 132 9.84 -3.51 15.34
N ILE A 133 8.90 -4.15 16.03
CA ILE A 133 8.21 -5.34 15.52
C ILE A 133 6.77 -5.01 15.03
N PRO A 134 6.21 -5.86 14.15
CA PRO A 134 4.89 -5.56 13.60
C PRO A 134 3.78 -5.39 14.65
N LYS A 135 2.90 -4.44 14.41
CA LYS A 135 1.69 -4.30 15.19
C LYS A 135 0.48 -4.81 14.37
N ILE A 136 -0.22 -5.79 14.92
CA ILE A 136 -1.39 -6.39 14.32
C ILE A 136 -2.62 -5.95 15.12
N TYR A 137 -3.58 -5.30 14.46
CA TYR A 137 -4.76 -4.84 15.17
C TYR A 137 -6.02 -5.56 14.71
N VAL A 138 -6.73 -6.18 15.66
CA VAL A 138 -7.99 -6.85 15.32
C VAL A 138 -9.15 -5.92 15.67
N ALA A 139 -9.89 -5.48 14.66
CA ALA A 139 -10.90 -4.47 14.88
C ALA A 139 -12.33 -5.04 14.91
N ALA A 140 -12.94 -4.97 16.09
CA ALA A 140 -14.33 -5.38 16.30
C ALA A 140 -14.86 -4.45 17.40
N ASN A 141 -15.44 -3.32 16.98
CA ASN A 141 -15.66 -2.24 17.94
C ASN A 141 -16.91 -1.42 17.60
N SER A 142 -17.24 -0.45 18.45
CA SER A 142 -18.44 0.39 18.28
C SER A 142 -18.11 1.87 18.32
N GLY A 143 -16.83 2.20 18.12
CA GLY A 143 -16.34 3.55 18.23
C GLY A 143 -16.34 4.09 19.64
N ALA A 144 -16.20 5.42 19.74
CA ALA A 144 -16.09 6.10 21.03
C ALA A 144 -17.33 5.86 21.87
N ARG A 145 -17.10 5.64 23.16
CA ARG A 145 -18.15 5.33 24.12
C ARG A 145 -19.04 6.56 24.32
N ILE A 146 -20.33 6.32 24.50
CA ILE A 146 -21.32 7.38 24.66
C ILE A 146 -22.03 7.16 25.99
N GLY A 147 -22.05 8.19 26.82
CA GLY A 147 -22.70 8.08 28.11
C GLY A 147 -23.40 9.36 28.50
N MET A 148 -24.22 9.24 29.55
CA MET A 148 -24.88 10.37 30.17
C MET A 148 -24.73 10.23 31.68
N ALA A 149 -24.93 11.33 32.39
CA ALA A 149 -24.83 11.32 33.86
C ALA A 149 -26.06 10.65 34.47
N GLU A 150 -25.95 9.36 34.72
CA GLU A 150 -27.05 8.55 35.22
C GLU A 150 -27.63 9.02 36.57
N GLU A 151 -26.79 9.61 37.42
CA GLU A 151 -27.22 10.09 38.73
C GLU A 151 -28.01 11.41 38.65
N ILE A 152 -28.00 12.05 37.47
CA ILE A 152 -28.80 13.24 37.24
C ILE A 152 -30.04 12.95 36.35
N LYS A 153 -29.97 11.89 35.55
CA LYS A 153 -30.99 11.58 34.54
C LYS A 153 -32.42 11.46 35.08
N HIS A 154 -32.56 11.00 36.32
CA HIS A 154 -33.88 10.81 36.90
C HIS A 154 -34.06 11.58 38.21
N MET A 155 -33.43 12.75 38.30
CA MET A 155 -33.72 13.66 39.39
C MET A 155 -34.00 15.09 38.97
N PHE A 156 -33.68 15.45 37.74
CA PHE A 156 -33.88 16.84 37.32
C PHE A 156 -35.38 17.19 37.22
N HIS A 157 -35.70 18.47 37.39
CA HIS A 157 -37.06 18.95 37.14
C HIS A 157 -37.04 19.97 36.01
N VAL A 158 -38.24 20.27 35.52
CA VAL A 158 -38.44 21.16 34.39
C VAL A 158 -39.23 22.38 34.81
N ALA A 159 -38.72 23.55 34.49
CA ALA A 159 -39.44 24.79 34.70
C ALA A 159 -40.23 25.11 33.43
N TRP A 160 -41.50 24.71 33.40
CA TRP A 160 -42.32 24.91 32.21
C TRP A 160 -42.71 26.37 31.96
N VAL A 161 -42.85 26.77 30.70
CA VAL A 161 -43.41 28.09 30.39
C VAL A 161 -44.78 28.24 31.07
N ASP A 162 -45.60 27.20 30.97
CA ASP A 162 -46.90 27.15 31.62
C ASP A 162 -47.17 25.69 31.98
N PRO A 163 -47.12 25.36 33.28
CA PRO A 163 -47.30 23.96 33.72
C PRO A 163 -48.64 23.33 33.29
N GLU A 164 -49.63 24.15 32.94
CA GLU A 164 -50.92 23.64 32.42
C GLU A 164 -50.94 23.46 30.88
N ASP A 165 -49.82 23.77 30.22
CA ASP A 165 -49.68 23.62 28.76
C ASP A 165 -48.21 23.40 28.34
N PRO A 166 -47.70 22.17 28.53
CA PRO A 166 -46.27 21.91 28.29
C PRO A 166 -45.77 22.11 26.85
N HIS A 167 -46.66 22.06 25.86
CA HIS A 167 -46.24 22.28 24.46
C HIS A 167 -45.82 23.73 24.16
N LYS A 168 -46.18 24.64 25.08
CA LYS A 168 -45.65 26.02 25.06
C LYS A 168 -44.14 26.06 25.34
N GLY A 169 -43.60 24.98 25.89
CA GLY A 169 -42.16 24.82 26.08
C GLY A 169 -41.70 24.93 27.52
N PHE A 170 -40.39 24.91 27.73
CA PHE A 170 -39.79 25.00 29.06
C PHE A 170 -38.68 26.04 29.09
N LYS A 171 -38.44 26.63 30.27
CA LYS A 171 -37.46 27.73 30.41
C LYS A 171 -36.07 27.27 30.81
N TYR A 172 -36.00 26.19 31.58
CA TYR A 172 -34.74 25.72 32.16
C TYR A 172 -34.95 24.44 32.93
N LEU A 173 -33.86 23.72 33.20
CA LEU A 173 -33.88 22.51 34.02
C LEU A 173 -33.23 22.80 35.36
N TYR A 174 -33.63 22.06 36.40
CA TYR A 174 -33.17 22.38 37.75
C TYR A 174 -33.26 21.22 38.69
N LEU A 175 -32.58 21.35 39.82
CA LEU A 175 -32.68 20.40 40.91
C LEU A 175 -33.24 21.14 42.11
N THR A 176 -34.02 20.42 42.94
CA THR A 176 -34.48 20.94 44.24
C THR A 176 -33.31 21.05 45.21
N PRO A 177 -33.45 21.88 46.25
CA PRO A 177 -32.39 21.92 47.25
C PRO A 177 -32.09 20.56 47.89
N GLN A 178 -33.12 19.79 48.23
CA GLN A 178 -32.88 18.42 48.75
C GLN A 178 -32.07 17.54 47.79
N ASP A 179 -32.40 17.56 46.50
CA ASP A 179 -31.65 16.81 45.49
C ASP A 179 -30.21 17.30 45.32
N TYR A 180 -30.01 18.62 45.32
CA TYR A 180 -28.69 19.22 45.18
C TYR A 180 -27.76 18.81 46.34
N THR A 181 -28.34 18.77 47.54
CA THR A 181 -27.67 18.29 48.73
C THR A 181 -27.14 16.87 48.54
N ARG A 182 -27.92 16.02 47.88
CA ARG A 182 -27.50 14.64 47.64
C ARG A 182 -26.33 14.49 46.68
N ILE A 183 -26.15 15.45 45.77
CA ILE A 183 -25.11 15.31 44.74
C ILE A 183 -24.03 16.40 44.65
N SER A 184 -24.12 17.44 45.50
CA SER A 184 -23.19 18.58 45.45
C SER A 184 -21.74 18.24 45.81
N SER A 185 -21.54 17.18 46.58
CA SER A 185 -20.18 16.74 46.90
C SER A 185 -19.57 15.81 45.83
N LEU A 186 -20.33 15.49 44.78
CA LEU A 186 -19.89 14.50 43.80
C LEU A 186 -19.29 15.10 42.53
N ASN A 187 -19.34 16.43 42.41
CA ASN A 187 -18.85 17.11 41.21
C ASN A 187 -19.60 16.66 39.94
N SER A 188 -20.93 16.59 40.03
CA SER A 188 -21.79 16.05 38.97
C SER A 188 -22.37 17.12 38.06
N VAL A 189 -22.63 18.30 38.63
CA VAL A 189 -23.29 19.40 37.94
C VAL A 189 -22.70 20.76 38.32
N HIS A 190 -22.88 21.75 37.45
CA HIS A 190 -22.70 23.15 37.84
C HIS A 190 -24.09 23.76 37.91
N CYS A 191 -24.38 24.41 39.03
CA CYS A 191 -25.71 24.98 39.22
C CYS A 191 -25.70 26.44 39.58
N LYS A 192 -26.80 27.12 39.28
CA LYS A 192 -26.95 28.48 39.75
C LYS A 192 -28.15 28.55 40.69
N HIS A 193 -27.90 28.97 41.92
CA HIS A 193 -28.99 29.14 42.88
C HIS A 193 -29.90 30.31 42.47
N ILE A 194 -31.22 30.02 42.41
CA ILE A 194 -32.23 31.02 42.05
C ILE A 194 -33.52 30.86 42.86
N GLU A 195 -34.36 31.90 42.83
CA GLU A 195 -35.69 31.88 43.44
C GLU A 195 -36.75 32.14 42.38
N GLU A 196 -37.85 31.39 42.43
CA GLU A 196 -38.96 31.60 41.52
C GLU A 196 -40.24 31.03 42.11
N GLY A 197 -41.31 31.79 41.98
CA GLY A 197 -42.59 31.40 42.56
C GLY A 197 -42.45 31.11 44.05
N GLY A 198 -41.51 31.81 44.68
CA GLY A 198 -41.25 31.66 46.11
C GLY A 198 -40.50 30.40 46.49
N GLU A 199 -39.99 29.66 45.51
CA GLU A 199 -39.22 28.47 45.83
C GLU A 199 -37.77 28.52 45.37
N SER A 200 -36.91 27.94 46.20
CA SER A 200 -35.50 27.83 45.96
C SER A 200 -35.25 26.75 44.89
N ARG A 201 -34.46 27.06 43.88
CA ARG A 201 -34.13 26.07 42.83
C ARG A 201 -32.65 26.14 42.43
N TYR A 202 -32.07 24.99 42.12
CA TYR A 202 -30.70 24.94 41.61
C TYR A 202 -30.67 24.73 40.09
N MET A 203 -30.65 25.84 39.35
CA MET A 203 -30.69 25.83 37.89
C MET A 203 -29.43 25.21 37.27
N ILE A 204 -29.60 24.19 36.43
CA ILE A 204 -28.49 23.48 35.79
C ILE A 204 -27.93 24.31 34.64
N THR A 205 -26.60 24.53 34.65
CA THR A 205 -25.88 25.20 33.57
C THR A 205 -24.93 24.25 32.83
N ASP A 206 -24.41 23.26 33.56
CA ASP A 206 -23.54 22.22 32.99
C ASP A 206 -23.77 20.89 33.71
N ILE A 207 -23.79 19.81 32.94
CA ILE A 207 -23.80 18.47 33.53
C ILE A 207 -22.43 17.83 33.31
N ILE A 208 -21.74 17.51 34.40
CA ILE A 208 -20.41 16.93 34.34
C ILE A 208 -20.45 15.38 34.41
N GLY A 209 -21.27 14.85 35.31
CA GLY A 209 -21.31 13.41 35.60
C GLY A 209 -20.16 12.98 36.50
N LYS A 210 -20.45 12.14 37.50
CA LYS A 210 -19.44 11.71 38.44
C LYS A 210 -18.60 10.55 37.90
N ASP A 211 -19.09 9.90 36.84
CA ASP A 211 -18.38 8.75 36.26
C ASP A 211 -17.55 9.22 35.07
N ASP A 212 -16.35 8.67 34.94
CA ASP A 212 -15.46 9.03 33.85
C ASP A 212 -15.87 8.32 32.54
N GLY A 213 -15.62 8.97 31.41
CA GLY A 213 -15.74 8.34 30.10
C GLY A 213 -17.09 8.45 29.43
N LEU A 214 -17.70 9.63 29.52
CA LEU A 214 -19.03 9.91 28.99
C LEU A 214 -19.03 10.58 27.59
N GLY A 215 -18.09 11.50 27.38
CA GLY A 215 -18.19 12.41 26.25
C GLY A 215 -16.85 12.80 25.65
N VAL A 216 -16.53 14.08 25.71
CA VAL A 216 -15.37 14.62 25.01
C VAL A 216 -14.04 14.00 25.42
N GLU A 217 -13.94 13.52 26.65
CA GLU A 217 -12.70 12.87 27.08
C GLU A 217 -12.46 11.60 26.28
N ASN A 218 -13.57 10.99 25.81
CA ASN A 218 -13.49 9.84 24.90
C ASN A 218 -12.99 10.25 23.52
N LEU A 219 -13.25 11.48 23.09
CA LEU A 219 -12.74 11.94 21.80
C LEU A 219 -11.26 12.30 21.87
N ARG A 220 -10.86 12.97 22.95
CA ARG A 220 -9.44 13.18 23.23
C ARG A 220 -8.71 11.83 23.20
N GLY A 221 -9.27 10.82 23.86
CA GLY A 221 -8.65 9.49 23.90
C GLY A 221 -8.51 8.84 22.54
N SER A 222 -9.53 9.02 21.70
CA SER A 222 -9.53 8.56 20.30
C SER A 222 -8.47 9.28 19.47
N GLY A 223 -8.39 10.59 19.62
CA GLY A 223 -7.35 11.36 18.94
C GLY A 223 -5.97 10.88 19.31
N MET A 224 -5.78 10.54 20.60
CA MET A 224 -4.49 10.08 21.10
C MET A 224 -4.02 8.86 20.34
N ILE A 225 -4.94 7.90 20.16
CA ILE A 225 -4.59 6.64 19.50
C ILE A 225 -4.56 6.75 17.96
N ALA A 226 -5.26 7.76 17.43
CA ALA A 226 -5.15 8.07 16.00
C ALA A 226 -3.76 8.60 15.71
N GLY A 227 -3.26 9.49 16.57
CA GLY A 227 -1.91 10.02 16.40
C GLY A 227 -0.84 8.94 16.48
N GLU A 228 -1.00 8.03 17.42
CA GLU A 228 -0.07 6.92 17.63
C GLU A 228 -0.07 5.99 16.41
N SER A 229 -1.26 5.70 15.89
CA SER A 229 -1.40 4.84 14.70
C SER A 229 -0.78 5.49 13.47
N SER A 230 -0.97 6.80 13.33
CA SER A 230 -0.30 7.58 12.29
C SER A 230 1.22 7.41 12.36
N LEU A 231 1.76 7.45 13.58
CA LEU A 231 3.20 7.33 13.76
C LEU A 231 3.68 5.90 13.48
N ALA A 232 2.90 4.92 13.94
CA ALA A 232 3.31 3.52 13.84
C ALA A 232 3.47 3.14 12.37
N TYR A 233 2.59 3.66 11.53
CA TYR A 233 2.67 3.32 10.11
C TYR A 233 4.02 3.75 9.48
N GLU A 234 4.61 4.81 10.03
CA GLU A 234 5.88 5.36 9.56
C GLU A 234 7.10 4.60 10.04
N GLU A 235 6.97 3.79 11.10
CA GLU A 235 8.12 3.21 11.80
C GLU A 235 8.19 1.69 11.76
N ILE A 236 7.03 1.04 11.76
CA ILE A 236 6.95 -0.41 11.84
C ILE A 236 5.91 -0.96 10.85
N VAL A 237 5.87 -2.29 10.68
CA VAL A 237 4.84 -2.93 9.87
C VAL A 237 3.53 -2.85 10.65
N THR A 238 2.45 -2.44 9.96
CA THR A 238 1.13 -2.32 10.57
C THR A 238 0.10 -3.05 9.71
N ILE A 239 -0.70 -3.91 10.36
CA ILE A 239 -1.71 -4.69 9.66
C ILE A 239 -2.97 -4.71 10.52
N SER A 240 -4.13 -4.65 9.88
CA SER A 240 -5.41 -4.78 10.59
C SER A 240 -6.33 -5.80 9.96
N LEU A 241 -7.12 -6.42 10.83
CA LEU A 241 -8.16 -7.36 10.44
C LEU A 241 -9.50 -6.79 10.89
N VAL A 242 -10.43 -6.61 9.96
CA VAL A 242 -11.74 -6.10 10.33
C VAL A 242 -12.73 -7.25 10.40
N THR A 243 -13.25 -7.47 11.60
CA THR A 243 -14.18 -8.55 11.85
C THR A 243 -15.39 -8.03 12.63
N CYS A 244 -16.58 -8.42 12.19
CA CYS A 244 -17.84 -7.81 12.61
C CYS A 244 -17.98 -6.38 12.11
N ARG A 245 -17.22 -5.44 12.70
CA ARG A 245 -17.35 -4.03 12.34
C ARG A 245 -16.24 -3.14 12.90
N ALA A 246 -15.99 -2.04 12.20
CA ALA A 246 -15.07 -1.00 12.62
C ALA A 246 -15.79 0.33 12.46
N ILE A 247 -15.98 1.04 13.58
CA ILE A 247 -16.83 2.23 13.58
C ILE A 247 -16.11 3.44 14.16
N GLY A 248 -16.17 4.57 13.48
CA GLY A 248 -15.67 5.84 14.00
C GLY A 248 -14.18 5.78 14.13
N ILE A 249 -13.66 5.99 15.34
CA ILE A 249 -12.22 5.87 15.59
C ILE A 249 -11.70 4.51 15.12
N GLY A 250 -12.51 3.46 15.27
CA GLY A 250 -12.16 2.13 14.79
C GLY A 250 -11.85 2.12 13.30
N ALA A 251 -12.65 2.86 12.51
CA ALA A 251 -12.42 2.97 11.07
C ALA A 251 -11.13 3.73 10.75
N TYR A 252 -10.89 4.82 11.48
CA TYR A 252 -9.65 5.58 11.29
C TYR A 252 -8.39 4.81 11.70
N LEU A 253 -8.48 4.01 12.76
CA LEU A 253 -7.36 3.16 13.18
C LEU A 253 -6.96 2.18 12.09
N VAL A 254 -7.96 1.51 11.49
CA VAL A 254 -7.63 0.58 10.40
C VAL A 254 -7.05 1.31 9.20
N ARG A 255 -7.60 2.48 8.86
CA ARG A 255 -7.09 3.21 7.71
C ARG A 255 -5.65 3.67 7.97
N LEU A 256 -5.38 4.12 9.20
CA LEU A 256 -4.07 4.66 9.53
C LEU A 256 -2.98 3.60 9.49
N GLY A 257 -3.34 2.35 9.80
CA GLY A 257 -2.41 1.23 9.66
C GLY A 257 -2.24 0.77 8.21
N GLN A 258 -3.14 1.24 7.35
CA GLN A 258 -3.07 1.12 5.88
C GLN A 258 -3.38 -0.26 5.34
N ARG A 259 -2.70 -1.28 5.85
CA ARG A 259 -2.83 -2.65 5.32
C ARG A 259 -4.01 -3.36 5.97
N VAL A 260 -5.13 -3.39 5.25
CA VAL A 260 -6.42 -3.83 5.81
C VAL A 260 -6.96 -5.15 5.23
N ILE A 261 -7.23 -6.11 6.11
CA ILE A 261 -7.93 -7.33 5.72
C ILE A 261 -9.34 -7.20 6.23
N GLN A 262 -10.32 -7.33 5.34
CA GLN A 262 -11.70 -7.21 5.76
C GLN A 262 -12.47 -8.52 5.58
N VAL A 263 -13.05 -9.05 6.65
CA VAL A 263 -13.94 -10.21 6.55
C VAL A 263 -15.25 -9.86 5.79
N GLU A 264 -15.68 -10.73 4.87
CA GLU A 264 -16.97 -10.59 4.18
C GLU A 264 -18.11 -10.43 5.18
N ASN A 265 -19.00 -9.48 4.91
CA ASN A 265 -20.21 -9.16 5.72
C ASN A 265 -19.95 -8.25 6.94
N SER A 266 -18.69 -7.81 7.08
CA SER A 266 -18.35 -6.80 8.06
C SER A 266 -18.47 -5.42 7.40
N HIS A 267 -18.42 -4.37 8.21
CA HIS A 267 -18.48 -3.02 7.65
C HIS A 267 -17.52 -2.08 8.35
N ILE A 268 -16.99 -1.15 7.55
CA ILE A 268 -16.11 -0.10 8.03
C ILE A 268 -16.85 1.22 7.78
N ILE A 269 -17.30 1.87 8.86
CA ILE A 269 -18.18 3.03 8.74
C ILE A 269 -17.83 4.14 9.73
N LEU A 270 -18.33 5.34 9.45
CA LEU A 270 -18.25 6.43 10.39
C LEU A 270 -19.62 6.50 11.06
N THR A 271 -20.59 7.10 10.40
CA THR A 271 -21.96 7.14 10.90
C THR A 271 -22.75 6.02 10.23
N GLY A 272 -23.64 5.38 10.99
CA GLY A 272 -24.42 4.25 10.53
C GLY A 272 -25.66 4.59 9.71
N ALA A 273 -26.18 3.58 9.04
CA ALA A 273 -27.30 3.70 8.12
C ALA A 273 -28.57 4.25 8.77
N SER A 274 -28.93 3.72 9.93
CA SER A 274 -30.16 4.18 10.57
C SER A 274 -30.05 5.59 11.17
N ALA A 275 -28.84 5.98 11.60
CA ALA A 275 -28.52 7.35 11.99
C ALA A 275 -28.64 8.35 10.83
N LEU A 276 -28.09 8.00 9.68
CA LEU A 276 -28.19 8.87 8.50
C LEU A 276 -29.63 9.00 8.08
N ASN A 277 -30.35 7.88 8.08
CA ASN A 277 -31.77 7.89 7.75
C ASN A 277 -32.58 8.83 8.64
N LYS A 278 -32.30 8.81 9.94
CA LYS A 278 -32.95 9.74 10.86
C LYS A 278 -32.60 11.20 10.57
N VAL A 279 -31.32 11.49 10.30
CA VAL A 279 -30.91 12.86 10.00
C VAL A 279 -31.51 13.40 8.69
N LEU A 280 -31.52 12.57 7.65
CA LEU A 280 -32.06 12.95 6.33
C LEU A 280 -33.59 12.89 6.28
N GLY A 281 -34.20 12.25 7.28
CA GLY A 281 -35.67 12.20 7.42
C GLY A 281 -36.42 11.27 6.49
N ARG A 282 -35.71 10.38 5.80
CA ARG A 282 -36.33 9.31 4.98
C ARG A 282 -35.43 8.07 4.93
N GLU A 283 -35.99 6.96 4.45
CA GLU A 283 -35.24 5.70 4.43
C GLU A 283 -34.34 5.62 3.18
N VAL A 284 -33.17 6.24 3.28
CA VAL A 284 -32.22 6.30 2.17
C VAL A 284 -31.39 5.03 2.09
N TYR A 285 -30.87 4.58 3.24
CA TYR A 285 -29.92 3.48 3.25
C TYR A 285 -30.51 2.21 3.83
N THR A 286 -30.13 1.09 3.24
CA THR A 286 -30.72 -0.19 3.59
C THR A 286 -29.93 -0.91 4.69
N SER A 287 -28.66 -0.54 4.86
CA SER A 287 -27.73 -1.37 5.58
C SER A 287 -26.39 -0.66 5.79
N ASN A 288 -25.72 -0.96 6.92
CA ASN A 288 -24.35 -0.55 7.15
C ASN A 288 -23.36 -1.14 6.14
N ASN A 289 -23.57 -2.39 5.71
CA ASN A 289 -22.74 -2.97 4.65
C ASN A 289 -22.82 -2.14 3.38
N GLN A 290 -23.99 -1.55 3.12
CA GLN A 290 -24.16 -0.68 1.96
C GLN A 290 -23.18 0.50 2.04
N LEU A 291 -22.92 0.98 3.26
CA LEU A 291 -22.02 2.12 3.43
C LEU A 291 -20.55 1.72 3.48
N GLY A 292 -20.25 0.61 4.15
CA GLY A 292 -18.86 0.27 4.41
C GLY A 292 -18.52 -1.19 4.30
N GLY A 293 -19.32 -1.94 3.56
CA GLY A 293 -19.05 -3.36 3.29
C GLY A 293 -17.96 -3.56 2.27
N VAL A 294 -17.59 -4.83 2.03
CA VAL A 294 -16.51 -5.15 1.10
C VAL A 294 -16.76 -4.61 -0.30
N GLN A 295 -18.03 -4.46 -0.66
CA GLN A 295 -18.35 -3.98 -2.00
C GLN A 295 -18.09 -2.49 -2.18
N ILE A 296 -17.88 -1.79 -1.07
CA ILE A 296 -17.37 -0.41 -1.10
C ILE A 296 -15.84 -0.37 -0.90
N MET A 297 -15.38 -0.94 0.23
CA MET A 297 -14.01 -0.76 0.70
C MET A 297 -12.97 -1.59 -0.06
N HIS A 298 -13.38 -2.74 -0.60
CA HIS A 298 -12.49 -3.53 -1.45
C HIS A 298 -12.37 -2.87 -2.84
N TYR A 299 -13.34 -2.03 -3.18
CA TYR A 299 -13.45 -1.45 -4.50
C TYR A 299 -12.87 -0.06 -4.57
N ASN A 300 -12.47 0.49 -3.41
CA ASN A 300 -11.86 1.81 -3.35
C ASN A 300 -10.45 1.86 -2.73
N GLY A 301 -9.88 0.71 -2.42
CA GLY A 301 -8.52 0.63 -1.90
C GLY A 301 -8.35 0.71 -0.38
N VAL A 302 -9.42 0.96 0.36
CA VAL A 302 -9.29 0.96 1.81
C VAL A 302 -9.01 -0.45 2.30
N SER A 303 -9.67 -1.44 1.68
CA SER A 303 -9.42 -2.83 2.02
C SER A 303 -8.52 -3.46 1.00
N HIS A 304 -7.38 -3.95 1.47
CA HIS A 304 -6.40 -4.59 0.59
C HIS A 304 -6.90 -5.93 0.07
N ILE A 305 -7.68 -6.64 0.87
CA ILE A 305 -8.14 -7.99 0.52
C ILE A 305 -9.29 -8.37 1.44
N THR A 306 -10.07 -9.36 1.03
CA THR A 306 -11.20 -9.81 1.80
C THR A 306 -11.04 -11.28 2.07
N VAL A 307 -11.57 -11.74 3.20
CA VAL A 307 -11.56 -13.15 3.56
C VAL A 307 -12.98 -13.62 3.93
N PRO A 308 -13.27 -14.93 3.79
CA PRO A 308 -14.60 -15.43 4.18
C PRO A 308 -14.84 -15.48 5.67
N ASP A 309 -13.78 -15.56 6.46
CA ASP A 309 -13.94 -15.74 7.90
C ASP A 309 -12.68 -15.34 8.64
N ASP A 310 -12.80 -15.24 9.96
CA ASP A 310 -11.70 -14.83 10.83
C ASP A 310 -10.46 -15.64 10.61
N PHE A 311 -10.61 -16.95 10.47
CA PHE A 311 -9.46 -17.84 10.34
C PHE A 311 -8.62 -17.54 9.10
N GLU A 312 -9.27 -17.32 7.96
CA GLU A 312 -8.57 -16.93 6.73
C GLU A 312 -7.92 -15.57 6.89
N GLY A 313 -8.54 -14.72 7.71
CA GLY A 313 -7.96 -13.42 8.04
C GLY A 313 -6.61 -13.57 8.72
N VAL A 314 -6.54 -14.46 9.70
CA VAL A 314 -5.34 -14.69 10.48
C VAL A 314 -4.27 -15.34 9.62
N TYR A 315 -4.69 -16.30 8.80
CA TYR A 315 -3.81 -16.96 7.84
C TYR A 315 -3.22 -15.90 6.89
N THR A 316 -4.08 -14.99 6.40
CA THR A 316 -3.66 -13.94 5.49
C THR A 316 -2.61 -13.06 6.14
N ILE A 317 -2.80 -12.75 7.42
CA ILE A 317 -1.80 -11.96 8.18
C ILE A 317 -0.43 -12.64 8.12
N LEU A 318 -0.39 -13.95 8.36
CA LEU A 318 0.89 -14.70 8.33
C LEU A 318 1.52 -14.75 6.95
N GLU A 319 0.70 -14.82 5.90
CA GLU A 319 1.23 -14.81 4.55
C GLU A 319 1.88 -13.48 4.24
N TRP A 320 1.25 -12.39 4.66
CA TRP A 320 1.76 -11.07 4.39
C TRP A 320 3.06 -10.91 5.12
N LEU A 321 3.08 -11.37 6.38
CA LEU A 321 4.28 -11.27 7.21
C LEU A 321 5.45 -12.07 6.65
N SER A 322 5.14 -13.09 5.85
CA SER A 322 6.19 -13.95 5.33
C SER A 322 7.11 -13.24 4.33
N TYR A 323 6.64 -12.13 3.74
CA TYR A 323 7.45 -11.30 2.83
C TYR A 323 8.29 -10.28 3.57
N MET A 324 7.98 -10.07 4.85
CA MET A 324 8.53 -8.92 5.57
C MET A 324 9.56 -9.31 6.64
N PRO A 325 10.56 -8.45 6.88
CA PRO A 325 11.54 -8.60 7.96
C PRO A 325 10.89 -8.75 9.34
N LYS A 326 11.56 -9.49 10.22
CA LYS A 326 11.03 -9.76 11.57
C LYS A 326 10.89 -8.49 12.41
N ASP A 327 11.62 -7.45 12.03
CA ASP A 327 11.57 -6.17 12.71
C ASP A 327 12.14 -5.09 11.78
N ASN A 328 12.04 -3.83 12.20
CA ASN A 328 12.44 -2.70 11.34
C ASN A 328 13.95 -2.43 11.25
N HIS A 329 14.75 -3.33 11.81
CA HIS A 329 16.21 -3.24 11.71
C HIS A 329 16.84 -4.57 11.27
N SER A 330 16.18 -5.24 10.32
CA SER A 330 16.62 -6.53 9.80
C SER A 330 16.49 -6.59 8.28
N PRO A 331 17.37 -7.36 7.62
CA PRO A 331 17.27 -7.59 6.15
C PRO A 331 15.98 -8.31 5.81
N VAL A 332 15.55 -8.22 4.56
CA VAL A 332 14.37 -8.97 4.10
C VAL A 332 14.71 -10.46 4.11
N PRO A 333 13.76 -11.30 4.54
CA PRO A 333 14.01 -12.74 4.70
C PRO A 333 14.00 -13.49 3.36
N ILE A 334 15.20 -13.88 2.91
CA ILE A 334 15.39 -14.63 1.68
C ILE A 334 15.39 -16.12 1.99
N ILE A 335 14.46 -16.87 1.40
CA ILE A 335 14.34 -18.31 1.66
C ILE A 335 14.95 -19.14 0.51
N THR A 336 15.04 -20.46 0.71
CA THR A 336 15.54 -21.36 -0.33
C THR A 336 14.41 -21.62 -1.32
N PRO A 337 14.59 -21.21 -2.59
CA PRO A 337 13.50 -21.40 -3.54
C PRO A 337 13.38 -22.87 -3.95
N THR A 338 12.18 -23.31 -4.29
CA THR A 338 12.03 -24.62 -4.89
C THR A 338 11.93 -24.48 -6.42
N ASP A 339 11.43 -23.31 -6.87
CA ASP A 339 11.37 -22.94 -8.29
C ASP A 339 12.74 -22.45 -8.75
N PRO A 340 13.39 -23.19 -9.67
CA PRO A 340 14.78 -22.88 -10.06
C PRO A 340 15.02 -21.47 -10.55
N ILE A 341 16.17 -20.93 -10.16
CA ILE A 341 16.65 -19.64 -10.64
C ILE A 341 17.01 -19.67 -12.12
N ASP A 342 17.75 -20.70 -12.53
CA ASP A 342 18.25 -20.84 -13.91
C ASP A 342 17.28 -21.57 -14.83
N ARG A 343 16.07 -21.04 -14.95
CA ARG A 343 15.11 -21.53 -15.92
C ARG A 343 14.60 -20.36 -16.73
N GLU A 344 14.14 -20.64 -17.94
CA GLU A 344 13.51 -19.63 -18.77
C GLU A 344 12.08 -19.40 -18.28
N ILE A 345 11.47 -18.33 -18.78
CA ILE A 345 10.07 -18.03 -18.53
C ILE A 345 9.29 -18.56 -19.72
N GLU A 346 8.25 -19.36 -19.45
CA GLU A 346 7.51 -20.03 -20.52
C GLU A 346 6.38 -19.16 -21.08
N PHE A 347 5.71 -18.38 -20.23
CA PHE A 347 4.70 -17.46 -20.73
C PHE A 347 5.36 -16.28 -21.43
N LEU A 348 4.89 -15.96 -22.62
CA LEU A 348 5.45 -14.88 -23.41
C LEU A 348 4.47 -13.73 -23.59
N PRO A 349 4.79 -12.54 -23.02
CA PRO A 349 3.94 -11.39 -23.31
C PRO A 349 3.78 -11.19 -24.82
N SER A 350 2.62 -10.69 -25.23
CA SER A 350 2.31 -10.54 -26.65
C SER A 350 1.94 -9.10 -27.01
N ARG A 351 1.90 -8.82 -28.31
CA ARG A 351 1.40 -7.56 -28.81
C ARG A 351 -0.11 -7.49 -28.50
N ALA A 352 -0.78 -8.63 -28.66
CA ALA A 352 -2.18 -8.77 -28.26
C ALA A 352 -2.35 -8.68 -26.74
N PRO A 353 -3.41 -7.98 -26.28
CA PRO A 353 -3.64 -7.81 -24.86
C PRO A 353 -3.69 -9.14 -24.12
N TYR A 354 -3.12 -9.13 -22.91
CA TYR A 354 -3.06 -10.31 -22.06
C TYR A 354 -3.23 -9.85 -20.60
N ASP A 355 -3.57 -10.80 -19.72
CA ASP A 355 -3.63 -10.56 -18.30
C ASP A 355 -2.21 -10.48 -17.77
N PRO A 356 -1.85 -9.35 -17.16
CA PRO A 356 -0.46 -9.21 -16.67
C PRO A 356 -0.13 -10.20 -15.55
N ARG A 357 -1.14 -10.77 -14.89
CA ARG A 357 -0.93 -11.76 -13.85
C ARG A 357 -0.25 -13.03 -14.39
N TRP A 358 -0.49 -13.35 -15.67
CA TRP A 358 0.12 -14.54 -16.28
C TRP A 358 1.64 -14.40 -16.40
N MET A 359 2.07 -13.19 -16.73
CA MET A 359 3.47 -12.83 -16.81
C MET A 359 4.16 -12.91 -15.43
N LEU A 360 3.41 -12.65 -14.37
CA LEU A 360 3.94 -12.71 -13.03
C LEU A 360 3.92 -14.13 -12.44
N ALA A 361 2.75 -14.74 -12.44
CA ALA A 361 2.50 -16.00 -11.74
C ALA A 361 2.47 -17.23 -12.66
N GLY A 362 2.53 -17.00 -13.98
CA GLY A 362 2.32 -18.10 -14.93
C GLY A 362 0.85 -18.43 -15.06
N ARG A 363 0.54 -19.55 -15.70
CA ARG A 363 -0.85 -19.94 -15.93
C ARG A 363 -0.96 -21.37 -16.43
N PRO A 364 -2.16 -21.99 -16.29
CA PRO A 364 -2.36 -23.30 -16.93
C PRO A 364 -2.02 -23.23 -18.41
N HIS A 365 -1.32 -24.26 -18.90
CA HIS A 365 -0.90 -24.31 -20.30
C HIS A 365 -2.12 -24.27 -21.22
N PRO A 366 -2.04 -23.50 -22.32
CA PRO A 366 -3.19 -23.39 -23.24
C PRO A 366 -3.55 -24.71 -23.94
N THR A 367 -2.55 -25.56 -24.20
CA THR A 367 -2.78 -26.84 -24.90
C THR A 367 -2.46 -28.07 -24.03
N LEU A 368 -1.24 -28.14 -23.50
CA LEU A 368 -0.78 -29.26 -22.64
C LEU A 368 -1.49 -29.25 -21.28
N LYS A 369 -2.66 -29.88 -21.22
CA LYS A 369 -3.46 -29.88 -19.99
C LYS A 369 -2.77 -30.63 -18.85
N GLY A 370 -2.99 -30.16 -17.62
CA GLY A 370 -2.26 -30.66 -16.45
C GLY A 370 -0.90 -30.00 -16.21
N THR A 371 -0.52 -29.06 -17.06
CA THR A 371 0.79 -28.40 -16.97
C THR A 371 0.73 -26.88 -16.71
N TRP A 372 1.68 -26.41 -15.92
CA TRP A 372 1.83 -24.99 -15.64
C TRP A 372 2.83 -24.34 -16.59
N GLN A 373 2.41 -23.24 -17.20
CA GLN A 373 3.27 -22.41 -18.03
C GLN A 373 3.85 -21.30 -17.13
N SER A 374 5.14 -21.42 -16.82
CA SER A 374 5.78 -20.59 -15.80
C SER A 374 5.78 -19.10 -16.14
N GLY A 375 5.72 -18.28 -15.09
CA GLY A 375 5.89 -16.84 -15.22
C GLY A 375 7.25 -16.40 -14.67
N PHE A 376 7.35 -15.10 -14.47
CA PHE A 376 8.58 -14.45 -14.02
C PHE A 376 8.99 -14.81 -12.59
N PHE A 377 8.02 -14.75 -11.67
CA PHE A 377 8.29 -14.98 -10.25
C PHE A 377 8.19 -16.46 -9.87
N ASP A 378 8.65 -16.78 -8.66
CA ASP A 378 8.61 -18.14 -8.09
C ASP A 378 7.17 -18.63 -8.06
N HIS A 379 6.95 -19.82 -8.58
CA HIS A 379 5.62 -20.44 -8.66
C HIS A 379 4.86 -20.36 -7.35
N GLY A 380 3.62 -19.85 -7.42
CA GLY A 380 2.75 -19.76 -6.24
C GLY A 380 3.05 -18.60 -5.29
N SER A 381 4.03 -17.75 -5.62
CA SER A 381 4.44 -16.71 -4.69
C SER A 381 3.78 -15.36 -4.87
N PHE A 382 3.23 -15.06 -6.04
CA PHE A 382 2.57 -13.78 -6.28
C PHE A 382 1.20 -13.69 -5.59
N LYS A 383 1.07 -12.74 -4.67
CA LYS A 383 -0.20 -12.49 -3.96
C LYS A 383 -0.54 -11.03 -4.13
N GLU A 384 -1.71 -10.77 -4.71
CA GLU A 384 -2.12 -9.44 -5.14
C GLU A 384 -2.82 -8.74 -3.98
N ILE A 385 -2.83 -7.41 -4.00
CA ILE A 385 -3.63 -6.59 -3.09
C ILE A 385 -4.36 -5.46 -3.84
N MET A 386 -5.37 -4.88 -3.18
CA MET A 386 -6.21 -3.85 -3.78
C MET A 386 -6.64 -4.25 -5.20
N ALA A 387 -6.91 -5.53 -5.42
CA ALA A 387 -7.24 -6.06 -6.78
C ALA A 387 -8.40 -5.37 -7.55
N PRO A 388 -9.60 -5.23 -6.92
CA PRO A 388 -10.75 -4.69 -7.68
C PRO A 388 -10.77 -3.15 -7.82
N TRP A 389 -9.83 -2.47 -7.18
CA TRP A 389 -9.73 -1.03 -7.28
C TRP A 389 -8.72 -0.65 -8.33
N ALA A 390 -9.12 0.27 -9.20
CA ALA A 390 -8.21 0.87 -10.18
C ALA A 390 -7.49 -0.20 -10.97
N GLN A 391 -8.26 -0.97 -11.73
CA GLN A 391 -7.79 -2.22 -12.30
C GLN A 391 -6.83 -2.14 -13.49
N THR A 392 -6.49 -0.91 -13.89
CA THR A 392 -5.49 -0.73 -14.94
C THR A 392 -4.08 -0.92 -14.40
N VAL A 393 -3.92 -0.97 -13.08
CA VAL A 393 -2.65 -1.32 -12.47
C VAL A 393 -2.78 -2.57 -11.57
N VAL A 394 -1.71 -3.38 -11.50
CA VAL A 394 -1.69 -4.54 -10.63
C VAL A 394 -0.60 -4.40 -9.55
N THR A 395 -0.97 -4.58 -8.29
CA THR A 395 -0.01 -4.45 -7.19
C THR A 395 -0.07 -5.69 -6.32
N GLY A 396 1.09 -6.16 -5.88
CA GLY A 396 1.14 -7.25 -4.92
C GLY A 396 2.56 -7.54 -4.48
N ARG A 397 2.75 -8.70 -3.85
CA ARG A 397 4.06 -9.13 -3.39
C ARG A 397 4.39 -10.45 -4.07
N ALA A 398 5.67 -10.79 -4.17
CA ALA A 398 6.12 -12.04 -4.83
C ALA A 398 7.51 -12.42 -4.35
N ARG A 399 8.02 -13.54 -4.85
CA ARG A 399 9.40 -13.94 -4.56
C ARG A 399 10.13 -14.25 -5.86
N LEU A 400 11.38 -13.80 -5.92
CA LEU A 400 12.27 -14.04 -7.06
C LEU A 400 13.49 -14.82 -6.54
N GLY A 401 13.54 -16.11 -6.87
CA GLY A 401 14.53 -17.02 -6.32
C GLY A 401 14.60 -16.92 -4.81
N GLY A 402 13.45 -16.70 -4.15
CA GLY A 402 13.39 -16.68 -2.69
C GLY A 402 13.38 -15.29 -2.05
N ILE A 403 13.65 -14.26 -2.86
CA ILE A 403 13.72 -12.88 -2.39
C ILE A 403 12.35 -12.21 -2.47
N PRO A 404 11.82 -11.74 -1.32
CA PRO A 404 10.53 -11.06 -1.34
C PRO A 404 10.64 -9.67 -1.95
N VAL A 405 9.71 -9.34 -2.84
CA VAL A 405 9.67 -8.04 -3.50
C VAL A 405 8.22 -7.53 -3.54
N GLY A 406 8.07 -6.21 -3.59
CA GLY A 406 6.80 -5.57 -3.98
C GLY A 406 6.76 -5.55 -5.51
N VAL A 407 5.56 -5.57 -6.07
CA VAL A 407 5.40 -5.77 -7.51
C VAL A 407 4.35 -4.80 -8.02
N ILE A 408 4.72 -4.06 -9.06
CA ILE A 408 3.78 -3.24 -9.81
C ILE A 408 3.81 -3.67 -11.27
N ALA A 409 2.64 -3.99 -11.82
CA ALA A 409 2.48 -4.32 -13.24
C ALA A 409 1.26 -3.63 -13.82
N VAL A 410 1.13 -3.64 -15.14
CA VAL A 410 0.11 -2.85 -15.82
C VAL A 410 -0.80 -3.73 -16.70
N GLU A 411 -2.08 -3.46 -16.62
CA GLU A 411 -3.09 -4.13 -17.42
C GLU A 411 -3.03 -3.64 -18.88
N THR A 412 -3.09 -4.58 -19.84
CA THR A 412 -3.18 -4.25 -21.27
C THR A 412 -4.59 -4.40 -21.89
N ARG A 413 -5.47 -5.17 -21.24
CA ARG A 413 -6.86 -5.30 -21.66
C ARG A 413 -7.69 -4.07 -21.24
N THR A 414 -8.73 -3.75 -22.02
CA THR A 414 -9.67 -2.72 -21.59
C THR A 414 -10.39 -3.14 -20.30
N VAL A 415 -10.41 -2.23 -19.31
CA VAL A 415 -11.07 -2.49 -18.03
C VAL A 415 -12.52 -2.00 -18.06
N GLU A 416 -13.41 -2.87 -17.61
CA GLU A 416 -14.81 -2.53 -17.34
C GLU A 416 -15.05 -2.37 -15.84
N VAL A 417 -15.26 -1.12 -15.39
CA VAL A 417 -15.54 -0.85 -13.97
C VAL A 417 -17.01 -0.51 -13.72
N ALA A 418 -17.61 -1.17 -12.73
CA ALA A 418 -18.99 -0.89 -12.34
C ALA A 418 -19.05 0.18 -11.25
N VAL A 419 -19.49 1.39 -11.61
CA VAL A 419 -19.68 2.47 -10.63
C VAL A 419 -21.09 2.43 -10.05
N PRO A 420 -21.19 2.22 -8.72
CA PRO A 420 -22.49 2.05 -8.05
C PRO A 420 -23.31 3.33 -8.00
N ALA A 421 -24.63 3.15 -7.97
CA ALA A 421 -25.60 4.25 -7.86
C ALA A 421 -25.51 4.87 -6.46
N ASP A 422 -25.69 6.19 -6.40
CA ASP A 422 -25.76 6.92 -5.14
C ASP A 422 -27.20 6.94 -4.58
N PRO A 423 -27.46 6.15 -3.50
CA PRO A 423 -28.82 6.01 -2.95
C PRO A 423 -29.41 7.33 -2.45
N ALA A 424 -28.55 8.31 -2.16
CA ALA A 424 -29.03 9.59 -1.63
C ALA A 424 -29.45 10.56 -2.74
N ASN A 425 -29.27 10.15 -3.99
CA ASN A 425 -29.51 11.06 -5.11
C ASN A 425 -30.44 10.45 -6.16
N LEU A 426 -31.61 11.07 -6.31
CA LEU A 426 -32.70 10.52 -7.11
C LEU A 426 -32.34 10.11 -8.55
N ASP A 427 -31.70 11.02 -9.28
CA ASP A 427 -31.39 10.75 -10.69
C ASP A 427 -30.08 9.97 -10.93
N SER A 428 -29.30 9.75 -9.87
CA SER A 428 -28.12 8.88 -9.96
C SER A 428 -28.49 7.42 -10.19
N GLU A 429 -27.98 6.83 -11.26
CA GLU A 429 -28.14 5.39 -11.52
C GLU A 429 -26.78 4.75 -11.78
N ALA A 430 -26.72 3.42 -11.65
CA ALA A 430 -25.47 2.68 -11.87
C ALA A 430 -24.95 2.79 -13.31
N LYS A 431 -23.62 2.85 -13.43
CA LYS A 431 -22.94 3.01 -14.71
C LYS A 431 -21.85 1.96 -14.86
N ILE A 432 -21.51 1.63 -16.11
CA ILE A 432 -20.30 0.89 -16.42
C ILE A 432 -19.37 1.87 -17.13
N ILE A 433 -18.13 1.99 -16.65
CA ILE A 433 -17.14 2.81 -17.35
C ILE A 433 -15.99 1.96 -17.89
N GLN A 434 -15.36 2.44 -18.95
CA GLN A 434 -14.25 1.73 -19.53
C GLN A 434 -12.97 2.50 -19.30
N GLN A 435 -11.90 1.77 -18.98
CA GLN A 435 -10.59 2.38 -18.82
C GLN A 435 -9.63 1.63 -19.73
N ALA A 436 -9.03 2.37 -20.65
CA ALA A 436 -8.00 1.84 -21.56
C ALA A 436 -6.82 1.30 -20.76
N GLY A 437 -6.22 0.20 -21.25
CA GLY A 437 -5.02 -0.36 -20.63
C GLY A 437 -3.78 0.49 -20.89
N GLN A 438 -2.71 0.24 -20.13
CA GLN A 438 -1.44 0.96 -20.30
C GLN A 438 -1.56 2.47 -20.01
N VAL A 439 -2.55 2.86 -19.20
CA VAL A 439 -2.73 4.27 -18.85
C VAL A 439 -2.82 4.45 -17.33
N TRP A 440 -2.25 5.54 -16.81
CA TRP A 440 -2.50 5.92 -15.42
C TRP A 440 -3.71 6.84 -15.38
N PHE A 441 -4.76 6.40 -14.69
CA PHE A 441 -5.89 7.27 -14.41
C PHE A 441 -5.67 7.86 -13.00
N PRO A 442 -6.53 8.83 -12.58
CA PRO A 442 -6.42 9.26 -11.19
C PRO A 442 -6.41 8.06 -10.20
N ASP A 443 -7.32 7.11 -10.39
CA ASP A 443 -7.40 5.96 -9.47
C ASP A 443 -6.11 5.11 -9.49
N SER A 444 -5.61 4.78 -10.67
CA SER A 444 -4.46 3.89 -10.75
C SER A 444 -3.13 4.58 -10.42
N ALA A 445 -3.08 5.90 -10.60
CA ALA A 445 -1.90 6.67 -10.18
C ALA A 445 -1.84 6.67 -8.67
N TYR A 446 -3.00 6.85 -8.03
CA TYR A 446 -3.13 6.78 -6.55
C TYR A 446 -2.78 5.39 -6.00
N LYS A 447 -3.37 4.35 -6.58
CA LYS A 447 -3.04 2.97 -6.18
C LYS A 447 -1.54 2.71 -6.29
N THR A 448 -0.93 3.20 -7.37
CA THR A 448 0.51 3.01 -7.59
C THR A 448 1.32 3.70 -6.49
N ALA A 449 1.01 4.97 -6.22
CA ALA A 449 1.67 5.75 -5.18
C ALA A 449 1.51 5.11 -3.79
N GLN A 450 0.29 4.67 -3.47
CA GLN A 450 -0.02 3.98 -2.21
C GLN A 450 0.85 2.76 -2.01
N ALA A 451 0.84 1.89 -3.02
CA ALA A 451 1.62 0.66 -2.99
C ALA A 451 3.08 0.97 -2.77
N ILE A 452 3.57 2.05 -3.37
CA ILE A 452 5.00 2.36 -3.27
C ILE A 452 5.33 2.72 -1.82
N LYS A 453 4.46 3.49 -1.19
CA LYS A 453 4.67 3.92 0.18
C LYS A 453 4.59 2.75 1.16
N ASP A 454 3.60 1.88 0.95
CA ASP A 454 3.37 0.71 1.80
C ASP A 454 4.57 -0.25 1.76
N PHE A 455 5.00 -0.63 0.55
CA PHE A 455 6.17 -1.49 0.38
C PHE A 455 7.46 -0.84 0.94
N ASN A 456 7.61 0.48 0.75
CA ASN A 456 8.79 1.12 1.28
C ASN A 456 8.86 0.88 2.80
N ARG A 457 7.70 0.99 3.45
CA ARG A 457 7.64 0.85 4.91
C ARG A 457 7.72 -0.60 5.38
N GLU A 458 7.53 -1.54 4.47
CA GLU A 458 7.79 -2.95 4.78
C GLU A 458 9.28 -3.27 4.57
N LYS A 459 10.01 -2.29 3.99
CA LYS A 459 11.40 -2.44 3.58
C LYS A 459 11.65 -3.45 2.45
N LEU A 460 10.75 -3.46 1.48
CA LEU A 460 10.88 -4.38 0.37
C LEU A 460 11.59 -3.72 -0.82
N PRO A 461 12.38 -4.51 -1.55
CA PRO A 461 12.75 -4.13 -2.89
C PRO A 461 11.48 -4.05 -3.73
N LEU A 462 11.54 -3.27 -4.80
CA LEU A 462 10.38 -3.03 -5.65
C LEU A 462 10.66 -3.41 -7.09
N MET A 463 9.76 -4.18 -7.68
CA MET A 463 9.86 -4.51 -9.10
C MET A 463 8.70 -3.94 -9.93
N ILE A 464 9.07 -3.15 -10.92
CA ILE A 464 8.08 -2.41 -11.69
C ILE A 464 8.16 -2.88 -13.12
N PHE A 465 7.08 -3.52 -13.57
CA PHE A 465 7.01 -4.02 -14.94
C PHE A 465 6.35 -2.95 -15.79
N ALA A 466 7.15 -1.99 -16.22
CA ALA A 466 6.64 -0.74 -16.80
C ALA A 466 5.99 -0.94 -18.16
N ASN A 467 4.80 -0.37 -18.34
CA ASN A 467 4.05 -0.50 -19.59
C ASN A 467 2.94 0.55 -19.70
N TRP A 468 3.36 1.81 -19.79
CA TRP A 468 2.43 2.95 -19.79
C TRP A 468 2.64 3.88 -20.98
N ARG A 469 1.55 4.23 -21.64
CA ARG A 469 1.61 5.20 -22.74
C ARG A 469 1.59 6.62 -22.19
N GLY A 470 1.19 6.78 -20.93
CA GLY A 470 1.07 8.10 -20.30
C GLY A 470 -0.07 8.20 -19.30
N PHE A 471 -0.34 9.41 -18.84
CA PHE A 471 -1.47 9.67 -17.95
C PHE A 471 -2.70 10.06 -18.77
N SER A 472 -3.87 9.81 -18.18
CA SER A 472 -5.11 10.28 -18.78
C SER A 472 -5.17 11.80 -18.66
N GLY A 473 -5.20 12.49 -19.80
CA GLY A 473 -5.12 13.96 -19.84
C GLY A 473 -6.41 14.67 -20.22
N GLY A 474 -7.49 13.93 -20.36
CA GLY A 474 -8.77 14.50 -20.77
C GLY A 474 -9.36 15.36 -19.67
N MET A 475 -10.39 16.13 -20.02
CA MET A 475 -10.94 17.11 -19.09
C MET A 475 -11.41 16.51 -17.74
N LYS A 476 -12.10 15.39 -17.80
CA LYS A 476 -12.64 14.77 -16.60
C LYS A 476 -11.51 14.31 -15.66
N ASP A 477 -10.56 13.58 -16.21
CA ASP A 477 -9.48 13.07 -15.39
C ASP A 477 -8.57 14.20 -14.86
N MET A 478 -8.48 15.31 -15.60
CA MET A 478 -7.79 16.51 -15.14
C MET A 478 -8.54 17.21 -14.01
N TYR A 479 -9.85 17.40 -14.20
CA TYR A 479 -10.74 17.86 -13.13
C TYR A 479 -10.63 16.94 -11.90
N ASP A 480 -10.56 15.62 -12.11
CA ASP A 480 -10.45 14.67 -11.00
C ASP A 480 -9.00 14.50 -10.47
N GLN A 481 -8.13 15.46 -10.80
CA GLN A 481 -6.86 15.68 -10.09
C GLN A 481 -5.76 14.64 -10.37
N VAL A 482 -5.78 14.07 -11.58
CA VAL A 482 -4.77 13.11 -12.01
C VAL A 482 -3.33 13.63 -11.74
N LEU A 483 -3.16 14.93 -11.93
CA LEU A 483 -1.89 15.63 -11.71
C LEU A 483 -1.38 15.51 -10.27
N LYS A 484 -2.28 15.60 -9.29
CA LYS A 484 -1.90 15.47 -7.88
C LYS A 484 -1.36 14.09 -7.64
N PHE A 485 -2.02 13.10 -8.21
CA PHE A 485 -1.69 11.72 -7.93
C PHE A 485 -0.45 11.25 -8.68
N GLY A 486 -0.22 11.78 -9.87
CA GLY A 486 1.05 11.53 -10.57
C GLY A 486 2.23 12.07 -9.80
N ALA A 487 2.07 13.20 -9.13
CA ALA A 487 3.14 13.78 -8.34
C ALA A 487 3.51 12.88 -7.15
N TYR A 488 2.53 12.26 -6.50
CA TYR A 488 2.81 11.28 -5.41
C TYR A 488 3.66 10.09 -5.85
N ILE A 489 3.59 9.72 -7.12
CA ILE A 489 4.47 8.68 -7.64
C ILE A 489 5.93 9.14 -7.53
N VAL A 490 6.20 10.39 -7.93
CA VAL A 490 7.53 10.99 -7.80
C VAL A 490 8.00 10.98 -6.33
N ASP A 491 7.21 11.57 -5.42
CA ASP A 491 7.51 11.62 -3.97
C ASP A 491 7.83 10.21 -3.45
N GLY A 492 6.96 9.26 -3.80
CA GLY A 492 7.10 7.90 -3.31
C GLY A 492 8.40 7.23 -3.75
N LEU A 493 8.71 7.32 -5.04
CA LEU A 493 9.95 6.74 -5.57
C LEU A 493 11.19 7.44 -5.03
N ARG A 494 11.08 8.75 -4.82
CA ARG A 494 12.18 9.55 -4.30
C ARG A 494 12.54 9.13 -2.89
N GLN A 495 11.54 8.79 -2.10
CA GLN A 495 11.77 8.45 -0.70
C GLN A 495 12.13 6.97 -0.50
N TYR A 496 12.07 6.19 -1.57
CA TYR A 496 12.38 4.76 -1.47
C TYR A 496 13.79 4.48 -0.96
N LYS A 497 13.91 3.54 -0.03
CA LYS A 497 15.22 3.21 0.59
C LYS A 497 15.83 1.86 0.17
N GLN A 498 15.16 1.12 -0.71
CA GLN A 498 15.60 -0.22 -1.15
C GLN A 498 15.77 -0.26 -2.68
N PRO A 499 16.41 -1.31 -3.22
CA PRO A 499 16.56 -1.35 -4.67
C PRO A 499 15.24 -1.38 -5.43
N ILE A 500 15.20 -0.67 -6.54
CA ILE A 500 14.07 -0.66 -7.43
C ILE A 500 14.56 -1.08 -8.82
N LEU A 501 13.96 -2.15 -9.35
CA LEU A 501 14.28 -2.62 -10.68
C LEU A 501 13.09 -2.38 -11.56
N ILE A 502 13.30 -1.53 -12.58
CA ILE A 502 12.27 -1.22 -13.54
C ILE A 502 12.54 -1.91 -14.87
N TYR A 503 11.57 -2.67 -15.34
CA TYR A 503 11.77 -3.49 -16.54
C TYR A 503 10.60 -3.31 -17.47
N ILE A 504 10.88 -2.81 -18.68
CA ILE A 504 9.88 -2.71 -19.76
C ILE A 504 9.91 -4.05 -20.50
N PRO A 505 8.88 -4.90 -20.34
CA PRO A 505 8.86 -6.26 -20.93
C PRO A 505 8.63 -6.29 -22.46
N PRO A 506 8.70 -7.49 -23.09
CA PRO A 506 8.41 -7.59 -24.52
C PRO A 506 7.07 -6.95 -24.88
N TYR A 507 7.09 -6.13 -25.93
CA TYR A 507 5.91 -5.50 -26.51
C TYR A 507 5.26 -4.46 -25.59
N ALA A 508 5.97 -4.10 -24.53
CA ALA A 508 5.54 -3.03 -23.64
C ALA A 508 6.21 -1.72 -24.07
N GLU A 509 5.76 -0.60 -23.51
CA GLU A 509 6.34 0.71 -23.81
C GLU A 509 6.32 1.61 -22.60
N LEU A 510 7.18 2.61 -22.59
CA LEU A 510 7.16 3.61 -21.55
C LEU A 510 7.27 4.99 -22.21
N ARG A 511 6.24 5.82 -22.06
CA ARG A 511 6.20 7.07 -22.81
C ARG A 511 5.79 8.28 -21.99
N GLY A 512 6.24 9.46 -22.45
CA GLY A 512 5.75 10.74 -21.96
C GLY A 512 5.88 10.95 -20.48
N GLY A 513 4.77 11.33 -19.85
CA GLY A 513 4.75 11.61 -18.42
C GLY A 513 4.95 10.36 -17.59
N SER A 514 4.70 9.20 -18.20
CA SER A 514 4.88 7.97 -17.48
C SER A 514 6.35 7.63 -17.29
N TRP A 515 7.19 7.97 -18.26
CA TRP A 515 8.62 7.81 -18.10
C TRP A 515 9.11 8.75 -16.99
N VAL A 516 8.74 10.02 -17.11
CA VAL A 516 9.18 11.09 -16.23
C VAL A 516 9.03 10.75 -14.74
N VAL A 517 7.85 10.31 -14.33
CA VAL A 517 7.57 10.10 -12.91
C VAL A 517 8.26 8.86 -12.31
N ILE A 518 8.84 8.01 -13.15
CA ILE A 518 9.58 6.84 -12.63
C ILE A 518 11.08 6.78 -13.03
N ASP A 519 11.60 7.83 -13.63
CA ASP A 519 12.99 7.79 -14.10
C ASP A 519 13.98 7.52 -12.96
N ALA A 520 15.02 6.78 -13.30
CA ALA A 520 16.13 6.49 -12.40
C ALA A 520 16.68 7.71 -11.66
N THR A 521 16.67 8.88 -12.32
CA THR A 521 17.26 10.08 -11.73
C THR A 521 16.47 10.65 -10.54
N ILE A 522 15.28 10.11 -10.31
CA ILE A 522 14.50 10.47 -9.11
C ILE A 522 15.14 9.88 -7.83
N ASN A 523 15.84 8.75 -7.98
CA ASN A 523 16.48 8.07 -6.87
C ASN A 523 17.64 7.24 -7.44
N PRO A 524 18.70 7.93 -7.89
CA PRO A 524 19.82 7.26 -8.60
C PRO A 524 20.51 6.16 -7.78
N LEU A 525 20.44 6.23 -6.44
CA LEU A 525 21.01 5.17 -5.61
C LEU A 525 20.17 3.88 -5.57
N CYS A 526 18.85 3.99 -5.76
CA CYS A 526 18.00 2.80 -5.69
C CYS A 526 17.58 2.22 -7.05
N ILE A 527 17.27 3.09 -8.03
CA ILE A 527 16.57 2.69 -9.26
C ILE A 527 17.52 2.29 -10.37
N GLU A 528 17.30 1.11 -10.95
CA GLU A 528 17.93 0.73 -12.20
C GLU A 528 16.84 0.39 -13.21
N MET A 529 17.01 0.87 -14.44
CA MET A 529 16.06 0.63 -15.52
C MET A 529 16.63 -0.35 -16.57
N TYR A 530 15.74 -1.20 -17.08
CA TYR A 530 16.06 -2.20 -18.09
C TYR A 530 14.95 -2.24 -19.14
N ALA A 531 15.32 -2.49 -20.38
CA ALA A 531 14.33 -2.61 -21.45
C ALA A 531 14.52 -3.93 -22.18
N ASP A 532 13.41 -4.61 -22.47
CA ASP A 532 13.48 -5.82 -23.30
C ASP A 532 13.91 -5.45 -24.71
N LYS A 533 14.56 -6.37 -25.43
CA LYS A 533 14.86 -6.15 -26.85
C LYS A 533 13.61 -5.82 -27.70
N GLU A 534 12.42 -6.22 -27.25
CA GLU A 534 11.17 -5.94 -27.97
C GLU A 534 10.34 -4.80 -27.39
N SER A 535 10.95 -3.93 -26.60
CA SER A 535 10.21 -2.86 -25.92
C SER A 535 10.39 -1.52 -26.68
N ARG A 536 9.71 -0.47 -26.23
CA ARG A 536 9.80 0.86 -26.84
C ARG A 536 9.74 1.95 -25.81
N GLY A 537 10.35 3.09 -26.10
CA GLY A 537 10.32 4.23 -25.20
C GLY A 537 10.54 5.53 -25.95
N GLY A 538 9.76 6.55 -25.60
CA GLY A 538 9.90 7.86 -26.22
C GLY A 538 8.89 8.85 -25.71
N VAL A 539 9.08 10.11 -26.06
CA VAL A 539 8.24 11.20 -25.55
C VAL A 539 6.78 10.99 -25.99
N LEU A 540 6.60 10.70 -27.28
CA LEU A 540 5.29 10.42 -27.83
C LEU A 540 5.25 9.02 -28.42
N GLU A 541 4.07 8.61 -28.89
CA GLU A 541 3.95 7.46 -29.76
C GLU A 541 4.48 7.84 -31.16
N PRO A 542 4.98 6.86 -31.95
CA PRO A 542 5.53 7.25 -33.25
C PRO A 542 4.51 7.96 -34.15
N GLU A 543 3.23 7.59 -34.03
CA GLU A 543 2.14 8.29 -34.72
C GLU A 543 2.08 9.76 -34.32
N GLY A 544 2.39 10.04 -33.06
CA GLY A 544 2.37 11.41 -32.54
C GLY A 544 3.60 12.19 -32.95
N THR A 545 4.76 11.53 -32.90
CA THR A 545 6.01 12.14 -33.36
C THR A 545 5.88 12.61 -34.83
N VAL A 546 5.26 11.78 -35.67
CA VAL A 546 5.05 12.13 -37.07
C VAL A 546 4.12 13.33 -37.23
N GLU A 547 3.08 13.39 -36.39
CA GLU A 547 2.12 14.49 -36.40
C GLU A 547 2.79 15.81 -36.09
N ILE A 548 3.79 15.80 -35.23
CA ILE A 548 4.54 17.00 -34.91
C ILE A 548 5.74 17.25 -35.88
N LYS A 549 6.46 16.18 -36.25
CA LYS A 549 7.75 16.35 -36.94
C LYS A 549 7.83 15.86 -38.40
N PHE A 550 6.82 15.13 -38.88
CA PHE A 550 6.90 14.56 -40.22
C PHE A 550 5.56 14.69 -40.95
N ARG A 551 5.18 15.94 -41.23
CA ARG A 551 3.85 16.25 -41.72
C ARG A 551 3.77 16.16 -43.23
N LYS A 552 2.61 16.49 -43.79
CA LYS A 552 2.33 16.45 -45.24
C LYS A 552 3.44 17.01 -46.15
N LYS A 553 3.92 18.22 -45.86
CA LYS A 553 5.04 18.83 -46.60
C LYS A 553 6.25 17.90 -46.64
N ASP A 554 6.52 17.24 -45.53
CA ASP A 554 7.66 16.35 -45.41
C ASP A 554 7.41 15.03 -46.12
N LEU A 555 6.18 14.56 -46.07
CA LEU A 555 5.78 13.38 -46.80
C LEU A 555 5.90 13.60 -48.33
N ILE A 556 5.53 14.79 -48.79
CA ILE A 556 5.65 15.18 -50.19
C ILE A 556 7.12 15.24 -50.61
N LYS A 557 7.93 15.91 -49.78
CA LYS A 557 9.37 15.98 -50.01
C LYS A 557 9.98 14.57 -50.14
N SER A 558 9.45 13.62 -49.36
CA SER A 558 9.85 12.20 -49.47
C SER A 558 9.50 11.55 -50.82
N MET A 559 8.23 11.69 -51.24
CA MET A 559 7.82 11.15 -52.55
C MET A 559 8.67 11.71 -53.67
N ARG A 560 8.89 13.03 -53.62
CA ARG A 560 9.73 13.73 -54.60
C ARG A 560 11.10 13.08 -54.70
N ARG A 561 11.64 12.70 -53.54
CA ARG A 561 12.96 12.14 -53.46
C ARG A 561 13.00 10.66 -53.86
N ILE A 562 12.00 9.87 -53.47
CA ILE A 562 12.09 8.41 -53.69
C ILE A 562 11.03 7.73 -54.58
N ASP A 563 9.95 8.41 -54.96
CA ASP A 563 9.00 7.82 -55.90
C ASP A 563 9.34 8.21 -57.32
N PRO A 564 9.73 7.22 -58.16
CA PRO A 564 10.09 7.48 -59.55
C PRO A 564 9.03 8.29 -60.33
N ALA A 565 7.78 7.84 -60.32
CA ALA A 565 6.72 8.57 -61.03
C ALA A 565 6.58 10.02 -60.55
N TYR A 566 6.44 10.22 -59.23
CA TYR A 566 6.36 11.55 -58.65
C TYR A 566 7.55 12.43 -59.04
N LYS A 567 8.75 11.86 -59.06
CA LYS A 567 9.95 12.58 -59.45
C LYS A 567 9.83 13.12 -60.90
N LYS A 568 9.47 12.24 -61.84
CA LYS A 568 9.31 12.62 -63.27
C LYS A 568 8.29 13.74 -63.45
N LEU A 569 7.13 13.61 -62.81
CA LEU A 569 6.08 14.61 -62.95
C LEU A 569 6.53 16.02 -62.50
N MET A 570 7.31 16.08 -61.42
CA MET A 570 7.89 17.35 -60.93
C MET A 570 8.90 17.94 -61.90
N GLU A 571 9.73 17.06 -62.47
CA GLU A 571 10.73 17.45 -63.45
C GLU A 571 10.10 17.89 -64.79
N GLN A 572 9.00 17.24 -65.16
CA GLN A 572 8.21 17.67 -66.33
C GLN A 572 7.52 19.01 -66.08
N LEU A 573 6.98 19.20 -64.87
CA LEU A 573 6.37 20.47 -64.49
C LEU A 573 7.39 21.60 -64.32
N GLY A 574 8.66 21.30 -64.58
CA GLY A 574 9.74 22.28 -64.48
C GLY A 574 9.84 23.15 -65.71
N GLU A 575 9.90 22.52 -66.88
CA GLU A 575 10.01 23.22 -68.15
C GLU A 575 9.08 24.43 -68.25
N PRO A 576 9.63 25.60 -68.60
CA PRO A 576 8.85 26.84 -68.69
C PRO A 576 8.03 26.96 -69.98
N ASP A 577 8.57 26.43 -71.08
CA ASP A 577 7.94 26.44 -72.41
C ASP A 577 6.64 25.60 -72.48
N LEU A 578 6.19 25.12 -71.32
CA LEU A 578 5.07 24.21 -71.20
C LEU A 578 3.74 24.94 -71.40
N SER A 579 2.85 24.34 -72.20
CA SER A 579 1.52 24.90 -72.47
C SER A 579 0.60 24.79 -71.27
N ASP A 580 -0.48 25.58 -71.26
CA ASP A 580 -1.46 25.57 -70.18
C ASP A 580 -2.20 24.23 -70.07
N LYS A 581 -2.32 23.55 -71.21
CA LYS A 581 -3.04 22.28 -71.30
C LYS A 581 -2.23 21.10 -70.73
N ASP A 582 -0.94 21.05 -71.07
CA ASP A 582 0.00 20.10 -70.49
C ASP A 582 0.19 20.31 -68.98
N ARG A 583 0.22 21.58 -68.55
CA ARG A 583 0.37 21.92 -67.13
C ARG A 583 -0.80 21.41 -66.28
N LYS A 584 -2.02 21.58 -66.79
CA LYS A 584 -3.22 21.14 -66.05
C LYS A 584 -3.32 19.62 -66.00
N ASP A 585 -2.86 18.94 -67.06
CA ASP A 585 -2.84 17.48 -67.10
C ASP A 585 -1.81 16.90 -66.14
N LEU A 586 -0.59 17.47 -66.13
CA LEU A 586 0.51 17.01 -65.27
C LEU A 586 0.21 17.19 -63.78
N GLU A 587 -0.27 18.36 -63.39
CA GLU A 587 -0.58 18.62 -61.98
C GLU A 587 -1.84 17.86 -61.50
N GLY A 588 -2.70 17.49 -62.45
CA GLY A 588 -3.79 16.56 -62.17
C GLY A 588 -3.24 15.20 -61.83
N ARG A 589 -2.25 14.74 -62.60
CA ARG A 589 -1.60 13.44 -62.38
C ARG A 589 -0.71 13.44 -61.12
N LEU A 590 -0.09 14.59 -60.84
CA LEU A 590 0.70 14.77 -59.63
C LEU A 590 -0.16 14.66 -58.36
N LYS A 591 -1.34 15.30 -58.37
CA LYS A 591 -2.29 15.20 -57.26
C LYS A 591 -2.82 13.78 -57.13
N ALA A 592 -3.18 13.16 -58.25
CA ALA A 592 -3.59 11.75 -58.26
C ALA A 592 -2.53 10.86 -57.58
N ARG A 593 -1.26 11.07 -57.95
CA ARG A 593 -0.16 10.27 -57.41
C ARG A 593 0.05 10.57 -55.93
N GLU A 594 -0.02 11.85 -55.58
CA GLU A 594 0.07 12.30 -54.19
C GLU A 594 -0.98 11.62 -53.32
N ASP A 595 -2.22 11.55 -53.80
CA ASP A 595 -3.32 10.98 -53.03
C ASP A 595 -3.22 9.45 -52.91
N LEU A 596 -2.67 8.81 -53.93
CA LEU A 596 -2.44 7.38 -53.88
C LEU A 596 -1.37 7.02 -52.85
N LEU A 597 -0.41 7.93 -52.63
CA LEU A 597 0.79 7.62 -51.85
C LEU A 597 0.76 8.05 -50.38
N LEU A 598 0.03 9.12 -50.06
CA LEU A 598 0.03 9.68 -48.69
C LEU A 598 -0.12 8.64 -47.57
N PRO A 599 -1.18 7.80 -47.62
CA PRO A 599 -1.42 6.81 -46.57
C PRO A 599 -0.21 5.93 -46.25
N ILE A 600 0.42 5.34 -47.27
CA ILE A 600 1.56 4.46 -47.02
C ILE A 600 2.86 5.22 -46.70
N TYR A 601 3.09 6.35 -47.35
CA TYR A 601 4.23 7.21 -46.98
C TYR A 601 4.10 7.73 -45.55
N HIS A 602 2.85 7.90 -45.09
CA HIS A 602 2.59 8.16 -43.68
C HIS A 602 3.06 6.99 -42.78
N GLN A 603 2.81 5.76 -43.21
CA GLN A 603 3.24 4.59 -42.44
C GLN A 603 4.76 4.48 -42.46
N VAL A 604 5.36 4.79 -43.60
CA VAL A 604 6.83 4.82 -43.69
C VAL A 604 7.41 5.78 -42.63
N ALA A 605 6.87 7.00 -42.54
CA ALA A 605 7.30 8.00 -41.54
C ALA A 605 7.12 7.51 -40.10
N VAL A 606 6.02 6.81 -39.84
CA VAL A 606 5.76 6.21 -38.54
C VAL A 606 6.87 5.21 -38.19
N GLN A 607 7.27 4.38 -39.16
CA GLN A 607 8.32 3.41 -38.94
C GLN A 607 9.67 4.10 -38.71
N PHE A 608 9.95 5.13 -39.52
CA PHE A 608 11.10 6.00 -39.30
C PHE A 608 11.16 6.49 -37.86
N ALA A 609 10.02 6.99 -37.35
CA ALA A 609 9.98 7.47 -35.95
C ALA A 609 10.14 6.30 -34.98
N ASP A 610 9.59 5.14 -35.35
CA ASP A 610 9.65 3.99 -34.47
C ASP A 610 11.08 3.53 -34.22
N PHE A 611 11.96 3.68 -35.21
CA PHE A 611 13.38 3.29 -35.03
C PHE A 611 14.17 4.18 -34.04
N HIS A 612 13.65 5.38 -33.75
CA HIS A 612 14.25 6.22 -32.71
C HIS A 612 13.88 5.71 -31.30
N ASP A 613 12.84 4.90 -31.20
CA ASP A 613 12.27 4.54 -29.89
C ASP A 613 12.81 3.21 -29.32
N THR A 614 13.90 2.72 -29.88
CA THR A 614 14.36 1.35 -29.58
C THR A 614 15.16 1.26 -28.28
N PRO A 615 15.31 0.03 -27.73
CA PRO A 615 16.17 -0.21 -26.58
C PRO A 615 17.60 0.15 -26.91
N GLY A 616 17.97 -0.11 -28.17
CA GLY A 616 19.25 0.31 -28.72
C GLY A 616 19.59 1.78 -28.49
N ARG A 617 18.63 2.66 -28.76
CA ARG A 617 18.85 4.10 -28.54
C ARG A 617 18.89 4.40 -27.04
N MET A 618 17.97 3.76 -26.31
CA MET A 618 17.90 3.87 -24.86
C MET A 618 19.27 3.58 -24.22
N LEU A 619 19.90 2.48 -24.63
CA LEU A 619 21.20 2.09 -24.11
C LEU A 619 22.30 3.08 -24.51
N GLU A 620 22.34 3.41 -25.79
CA GLU A 620 23.33 4.34 -26.30
C GLU A 620 23.22 5.70 -25.59
N LYS A 621 22.01 6.10 -25.21
CA LYS A 621 21.82 7.41 -24.57
C LYS A 621 21.94 7.36 -23.06
N GLY A 622 22.14 6.15 -22.52
CA GLY A 622 22.43 6.00 -21.09
C GLY A 622 21.24 6.08 -20.15
N VAL A 623 20.03 5.93 -20.68
CA VAL A 623 18.82 6.01 -19.83
C VAL A 623 18.42 4.67 -19.20
N ILE A 624 19.00 3.58 -19.71
CA ILE A 624 18.85 2.23 -19.15
C ILE A 624 20.24 1.62 -18.90
N SER A 625 20.29 0.64 -18.00
CA SER A 625 21.53 -0.06 -17.64
C SER A 625 21.89 -1.18 -18.62
N ASP A 626 20.86 -1.86 -19.14
CA ASP A 626 21.04 -3.03 -19.97
C ASP A 626 19.79 -3.33 -20.79
N ILE A 627 19.97 -4.06 -21.89
CA ILE A 627 18.88 -4.60 -22.69
C ILE A 627 18.76 -6.07 -22.34
N LEU A 628 17.56 -6.51 -21.93
CA LEU A 628 17.35 -7.88 -21.53
C LEU A 628 16.57 -8.71 -22.55
N GLU A 629 16.69 -10.03 -22.45
CA GLU A 629 15.81 -10.93 -23.19
C GLU A 629 14.87 -11.63 -22.22
N TRP A 630 13.58 -11.46 -22.44
CA TRP A 630 12.55 -11.96 -21.53
C TRP A 630 12.80 -13.37 -21.02
N LYS A 631 13.09 -14.31 -21.92
CA LYS A 631 13.21 -15.71 -21.53
C LYS A 631 14.24 -15.92 -20.43
N THR A 632 15.34 -15.16 -20.48
CA THR A 632 16.42 -15.26 -19.48
C THR A 632 16.41 -14.11 -18.43
N ALA A 633 15.31 -13.36 -18.36
CA ALA A 633 15.25 -12.15 -17.53
C ALA A 633 15.09 -12.42 -16.03
N ARG A 634 14.39 -13.51 -15.71
CA ARG A 634 14.25 -13.97 -14.34
C ARG A 634 15.62 -14.27 -13.76
N THR A 635 16.44 -15.00 -14.51
CA THR A 635 17.77 -15.38 -14.05
C THR A 635 18.66 -14.15 -13.87
N PHE A 636 18.71 -13.30 -14.89
CA PHE A 636 19.51 -12.07 -14.82
C PHE A 636 19.12 -11.17 -13.65
N LEU A 637 17.83 -10.95 -13.45
CA LEU A 637 17.39 -10.01 -12.41
C LEU A 637 17.52 -10.60 -11.03
N TYR A 638 17.43 -11.92 -10.92
CA TYR A 638 17.71 -12.57 -9.64
C TYR A 638 19.10 -12.17 -9.13
N TRP A 639 20.12 -12.35 -9.96
CA TRP A 639 21.50 -12.15 -9.51
C TRP A 639 21.80 -10.68 -9.32
N ARG A 640 21.21 -9.84 -10.17
CA ARG A 640 21.36 -8.41 -10.01
C ARG A 640 20.80 -7.95 -8.66
N LEU A 641 19.61 -8.44 -8.30
CA LEU A 641 18.95 -8.06 -7.05
C LEU A 641 19.73 -8.61 -5.84
N ARG A 642 20.14 -9.88 -5.90
CA ARG A 642 20.98 -10.43 -4.82
C ARG A 642 22.18 -9.53 -4.59
N ARG A 643 22.87 -9.22 -5.68
CA ARG A 643 24.06 -8.40 -5.61
C ARG A 643 23.77 -7.04 -4.98
N LEU A 644 22.66 -6.42 -5.38
CA LEU A 644 22.34 -5.08 -4.92
C LEU A 644 22.03 -5.11 -3.44
N LEU A 645 21.29 -6.13 -3.02
CA LEU A 645 20.94 -6.31 -1.62
C LEU A 645 22.19 -6.51 -0.75
N LEU A 646 23.12 -7.35 -1.20
CA LEU A 646 24.35 -7.59 -0.46
C LEU A 646 25.27 -6.38 -0.43
N GLU A 647 25.42 -5.70 -1.55
CA GLU A 647 26.26 -4.51 -1.59
C GLU A 647 25.75 -3.46 -0.62
N ASP A 648 24.43 -3.39 -0.46
CA ASP A 648 23.79 -2.41 0.41
C ASP A 648 24.03 -2.70 1.90
N GLN A 649 23.97 -3.96 2.30
CA GLN A 649 24.32 -4.36 3.68
C GLN A 649 25.73 -3.88 4.05
N VAL A 650 26.69 -4.12 3.14
CA VAL A 650 28.05 -3.63 3.27
C VAL A 650 28.12 -2.10 3.27
N LYS A 651 27.47 -1.45 2.30
CA LYS A 651 27.54 0.02 2.14
C LYS A 651 27.02 0.77 3.36
N GLN A 652 25.99 0.20 4.01
CA GLN A 652 25.40 0.81 5.19
C GLN A 652 26.28 0.62 6.43
N GLU A 653 27.08 -0.44 6.43
CA GLU A 653 28.08 -0.66 7.46
C GLU A 653 29.25 0.31 7.31
N ILE A 654 29.58 0.64 6.05
CA ILE A 654 30.63 1.61 5.74
C ILE A 654 30.25 3.01 6.23
N LEU A 655 28.97 3.36 6.14
CA LEU A 655 28.50 4.68 6.51
C LEU A 655 28.32 4.91 8.01
N GLN A 656 28.00 3.86 8.75
CA GLN A 656 27.89 3.96 10.21
C GLN A 656 29.28 4.06 10.87
N ALA A 657 30.33 3.91 10.06
CA ALA A 657 31.71 4.06 10.51
C ALA A 657 32.38 5.31 9.94
N SER A 658 31.80 5.90 8.90
CA SER A 658 32.26 7.17 8.33
C SER A 658 31.16 7.83 7.51
N GLY A 659 30.28 8.54 8.22
CA GLY A 659 29.08 9.14 7.62
C GLY A 659 29.27 10.19 6.54
N GLU A 660 30.49 10.72 6.45
CA GLU A 660 30.82 11.81 5.52
C GLU A 660 30.98 11.32 4.08
N LEU A 661 31.54 10.12 3.94
CA LEU A 661 31.86 9.52 2.64
C LEU A 661 30.71 9.57 1.64
N SER A 662 30.98 10.10 0.46
CA SER A 662 29.99 10.15 -0.61
C SER A 662 29.75 8.76 -1.18
N HIS A 663 28.63 8.62 -1.90
CA HIS A 663 28.21 7.33 -2.43
C HIS A 663 29.06 6.84 -3.61
N VAL A 664 29.66 7.80 -4.33
CA VAL A 664 30.60 7.49 -5.41
C VAL A 664 31.95 7.01 -4.85
N HIS A 665 32.36 7.58 -3.71
CA HIS A 665 33.56 7.14 -2.98
C HIS A 665 33.46 5.66 -2.59
N ILE A 666 32.33 5.29 -1.99
CA ILE A 666 32.10 3.93 -1.47
C ILE A 666 32.09 2.88 -2.58
N GLN A 667 31.46 3.24 -3.71
CA GLN A 667 31.43 2.36 -4.87
C GLN A 667 32.84 2.01 -5.31
N SER A 668 33.72 3.01 -5.35
CA SER A 668 35.13 2.82 -5.70
C SER A 668 35.86 1.96 -4.68
N MET A 669 35.42 2.03 -3.42
CA MET A 669 36.07 1.33 -2.32
C MET A 669 35.82 -0.17 -2.42
N LEU A 670 34.56 -0.53 -2.67
CA LEU A 670 34.17 -1.92 -2.81
C LEU A 670 34.85 -2.59 -3.98
N ARG A 671 34.91 -1.88 -5.10
CA ARG A 671 35.65 -2.34 -6.27
C ARG A 671 37.13 -2.53 -5.92
N ARG A 672 37.71 -1.55 -5.24
CA ARG A 672 39.13 -1.63 -4.85
C ARG A 672 39.43 -2.84 -3.99
N TRP A 673 38.55 -3.13 -3.04
CA TRP A 673 38.72 -4.25 -2.12
C TRP A 673 38.63 -5.60 -2.84
N PHE A 674 37.76 -5.67 -3.85
CA PHE A 674 37.64 -6.82 -4.76
C PHE A 674 38.92 -7.06 -5.57
N VAL A 675 39.50 -5.99 -6.10
CA VAL A 675 40.73 -6.07 -6.89
C VAL A 675 41.94 -6.51 -6.04
N GLU A 676 42.06 -5.95 -4.83
CA GLU A 676 43.14 -6.37 -3.92
C GLU A 676 43.13 -7.89 -3.74
N THR A 677 41.96 -8.45 -3.45
CA THR A 677 41.86 -9.85 -3.03
C THR A 677 41.62 -10.87 -4.14
N GLU A 678 41.68 -10.44 -5.40
CA GLU A 678 41.47 -11.36 -6.53
C GLU A 678 42.48 -11.11 -7.65
N GLY A 679 43.04 -9.90 -7.69
CA GLY A 679 44.03 -9.54 -8.70
C GLY A 679 43.45 -8.76 -9.88
N ALA A 680 44.25 -7.83 -10.40
CA ALA A 680 43.84 -6.93 -11.49
C ALA A 680 43.45 -7.63 -12.79
N VAL A 681 43.87 -8.89 -12.94
CA VAL A 681 43.54 -9.70 -14.12
C VAL A 681 42.08 -10.14 -14.08
N LYS A 682 41.53 -10.22 -12.86
CA LYS A 682 40.14 -10.62 -12.66
C LYS A 682 39.18 -9.44 -12.37
N ALA A 683 39.68 -8.22 -12.53
CA ALA A 683 38.88 -7.00 -12.32
C ALA A 683 37.62 -6.90 -13.19
N TYR A 684 37.66 -7.51 -14.37
CA TYR A 684 36.52 -7.53 -15.29
C TYR A 684 35.33 -8.29 -14.71
N LEU A 685 35.60 -9.19 -13.77
CA LEU A 685 34.55 -10.02 -13.16
C LEU A 685 33.70 -9.26 -12.15
N TRP A 686 34.02 -7.99 -11.94
CA TRP A 686 33.21 -7.10 -11.10
C TRP A 686 31.86 -6.83 -11.76
N ASP A 687 31.82 -6.93 -13.09
CA ASP A 687 30.61 -6.76 -13.87
C ASP A 687 29.74 -8.01 -13.84
N ASN A 688 30.26 -9.12 -13.31
CA ASN A 688 29.51 -10.38 -13.20
C ASN A 688 28.78 -10.50 -11.85
N ASN A 689 27.46 -10.43 -11.89
CA ASN A 689 26.67 -10.35 -10.67
C ASN A 689 26.75 -11.59 -9.83
N GLN A 690 26.73 -12.75 -10.48
CA GLN A 690 26.87 -14.00 -9.76
C GLN A 690 28.21 -14.09 -9.05
N VAL A 691 29.27 -13.65 -9.71
CA VAL A 691 30.61 -13.81 -9.16
C VAL A 691 30.76 -12.90 -7.97
N VAL A 692 30.23 -11.69 -8.07
CA VAL A 692 30.31 -10.71 -7.00
C VAL A 692 29.47 -11.14 -5.79
N VAL A 693 28.29 -11.71 -6.02
CA VAL A 693 27.48 -12.29 -4.92
C VAL A 693 28.30 -13.31 -4.13
N GLN A 694 28.95 -14.23 -4.85
CA GLN A 694 29.76 -15.28 -4.25
C GLN A 694 30.93 -14.67 -3.47
N TRP A 695 31.57 -13.66 -4.05
CA TRP A 695 32.69 -13.00 -3.39
C TRP A 695 32.27 -12.31 -2.11
N LEU A 696 31.17 -11.58 -2.13
CA LEU A 696 30.66 -10.94 -0.92
C LEU A 696 30.27 -11.96 0.18
N GLU A 697 29.73 -13.10 -0.21
CA GLU A 697 29.32 -14.13 0.74
C GLU A 697 30.52 -14.78 1.46
N GLN A 698 31.64 -14.90 0.75
CA GLN A 698 32.85 -15.50 1.30
C GLN A 698 33.66 -14.51 2.13
N HIS A 699 33.47 -13.22 1.88
CA HIS A 699 34.23 -12.18 2.56
C HIS A 699 33.39 -11.31 3.51
N TRP A 700 32.09 -11.61 3.60
CA TRP A 700 31.13 -10.90 4.49
C TRP A 700 31.06 -9.41 4.21
N ILE A 714 37.51 -1.03 7.38
CA ILE A 714 36.32 -0.39 8.03
C ILE A 714 36.64 0.07 9.45
N THR A 715 37.41 -0.76 10.16
CA THR A 715 37.91 -0.41 11.49
C THR A 715 38.74 0.86 11.45
N TYR A 716 39.50 1.00 10.37
CA TYR A 716 40.41 2.14 10.20
C TYR A 716 39.64 3.43 9.87
N LEU A 717 38.60 3.29 9.05
CA LEU A 717 37.68 4.39 8.77
C LEU A 717 37.03 4.94 10.04
N LYS A 718 36.66 4.01 10.93
CA LYS A 718 35.97 4.32 12.19
C LYS A 718 36.83 5.17 13.10
N HIS A 719 38.09 4.75 13.25
CA HIS A 719 39.12 5.49 14.01
C HIS A 719 39.16 6.97 13.63
N ASP A 720 39.31 7.24 12.33
CA ASP A 720 39.46 8.60 11.83
C ASP A 720 38.22 9.48 11.98
N SER A 721 37.04 8.92 11.74
CA SER A 721 35.80 9.67 11.85
C SER A 721 35.43 10.01 13.31
N VAL A 722 35.76 9.11 14.23
CA VAL A 722 35.61 9.35 15.67
C VAL A 722 36.56 10.44 16.13
N LEU A 723 37.80 10.36 15.66
CA LEU A 723 38.82 11.32 16.03
C LEU A 723 38.44 12.70 15.46
N LYS A 724 37.87 12.71 14.27
CA LYS A 724 37.39 13.96 13.65
C LYS A 724 36.20 14.55 14.42
N THR A 725 35.27 13.69 14.86
CA THR A 725 34.14 14.14 15.66
C THR A 725 34.60 14.78 16.98
N ILE A 726 35.55 14.12 17.68
CA ILE A 726 36.04 14.62 18.95
C ILE A 726 36.84 15.93 18.81
N ARG A 727 37.63 16.07 17.72
CA ARG A 727 38.39 17.31 17.53
C ARG A 727 37.47 18.50 17.26
N GLY A 728 36.41 18.25 16.49
CA GLY A 728 35.38 19.25 16.20
C GLY A 728 34.73 19.77 17.47
N LEU A 729 34.35 18.85 18.35
CA LEU A 729 33.66 19.20 19.59
C LEU A 729 34.49 20.08 20.52
N VAL A 730 35.81 19.93 20.45
CA VAL A 730 36.73 20.75 21.26
C VAL A 730 37.07 22.08 20.54
N GLU A 731 37.14 22.02 19.21
CA GLU A 731 37.27 23.22 18.37
C GLU A 731 36.09 24.17 18.62
N GLU A 732 34.87 23.60 18.61
CA GLU A 732 33.63 24.34 18.83
C GLU A 732 33.45 24.78 20.28
N ASN A 733 34.11 24.08 21.21
CA ASN A 733 33.94 24.34 22.65
C ASN A 733 35.26 24.28 23.44
N PRO A 734 36.06 25.38 23.38
CA PRO A 734 37.43 25.47 23.93
C PRO A 734 37.65 25.11 25.42
N GLU A 735 36.58 25.01 26.22
CA GLU A 735 36.69 24.38 27.55
C GLU A 735 36.87 22.86 27.38
N VAL A 736 36.15 22.07 28.19
CA VAL A 736 36.06 20.60 28.04
C VAL A 736 37.33 19.78 28.35
N ALA A 737 38.47 20.14 27.73
CA ALA A 737 39.74 19.47 28.01
C ALA A 737 40.39 19.97 29.30
#